data_8CNG
#
_entry.id   8CNG
#
_cell.length_a   65.737
_cell.length_b   83.898
_cell.length_c   137.445
_cell.angle_alpha   90.00
_cell.angle_beta   90.00
_cell.angle_gamma   90.00
#
_symmetry.space_group_name_H-M   'P 21 21 21'
#
loop_
_entity.id
_entity.type
_entity.pdbx_description
1 polymer '3-oxoacyl-[acyl-carrier-protein] synthase 2'
2 non-polymer 'DIMETHYL SULFOXIDE'
3 non-polymer 'MAGNESIUM ION'
4 non-polymer ~{N}-cyclopentyl-3-methyl-1~{H}-pyrazole-5-carboxamide
5 water water
#
_entity_poly.entity_id   1
_entity_poly.type   'polypeptide(L)'
_entity_poly.pdbx_seq_one_letter_code
;SRRRVVITGMGMLSPLGLDVPSSWEGILAGRSGIAPIEHMDLSAYSTRFGGSVKGFNVEEYLSAKEARKLDLFIQYGLAA
SFQAVRDSGLEVTDANRERIGVSMGSGIGGLTNIENNCRSLFEQGPRRISPFFVPGSIINMVSGFLSIHLGLQGPNYALT
TAQTTGTHSIGMAARNIAYGEADVMVAGGSEMAACGLGLGGFGAARALSTRNDEPTRASRPWDRDRDGFVLSDGSGALVL
EELEHARARGARIYAELVGFGMSGDAFHMTAPPEDGAGAARCMKNALRDAGLDPRQVDYINAHGTSTPAGDIAEIAAVKS
VFGEHAHALSMSSTKSMTGHLLGAAGAVEAIFSVLALRDQVAPPTINLDNPDEGCDLDLVAHEAKPRKIDVALSNSFGFG
GTNGTLVFRRFA
;
_entity_poly.pdbx_strand_id   A,B
#
loop_
_chem_comp.id
_chem_comp.type
_chem_comp.name
_chem_comp.formula
DMS non-polymer 'DIMETHYL SULFOXIDE' 'C2 H6 O S'
MG non-polymer 'MAGNESIUM ION' 'Mg 2'
V6L non-polymer ~{N}-cyclopentyl-3-methyl-1~{H}-pyrazole-5-carboxamide 'C10 H15 N3 O'
#
# COMPACT_ATOMS: atom_id res chain seq x y z
N ARG A 2 19.47 13.82 9.51
CA ARG A 2 18.38 12.88 9.87
C ARG A 2 17.88 13.18 11.30
N ARG A 3 16.59 13.48 11.45
CA ARG A 3 15.96 13.85 12.73
C ARG A 3 15.59 12.56 13.48
N ARG A 4 15.53 12.64 14.81
CA ARG A 4 15.15 11.51 15.71
C ARG A 4 13.61 11.40 15.77
N VAL A 5 13.12 10.16 15.87
CA VAL A 5 11.67 9.85 15.86
C VAL A 5 11.30 9.10 17.14
N VAL A 6 10.32 9.61 17.87
CA VAL A 6 9.82 9.04 19.15
C VAL A 6 8.33 8.70 18.99
N ILE A 7 7.87 7.80 19.86
CA ILE A 7 6.48 7.31 19.98
C ILE A 7 5.82 8.07 21.13
N THR A 8 4.72 8.78 20.86
CA THR A 8 4.05 9.65 21.86
C THR A 8 2.61 9.19 22.11
N GLY A 9 2.12 8.20 21.37
CA GLY A 9 0.72 7.73 21.45
C GLY A 9 0.54 6.35 20.83
N MET A 10 -0.34 5.54 21.41
CA MET A 10 -0.63 4.18 20.87
C MET A 10 -2.11 3.88 21.06
N GLY A 11 -2.65 3.08 20.14
CA GLY A 11 -4.06 2.68 20.10
C GLY A 11 -4.16 1.29 19.52
N MET A 12 -5.18 0.53 19.92
CA MET A 12 -5.26 -0.88 19.53
C MET A 12 -6.69 -1.40 19.65
N LEU A 13 -7.07 -2.25 18.71
CA LEU A 13 -8.12 -3.28 18.88
C LEU A 13 -7.45 -4.63 18.69
N SER A 14 -7.59 -5.52 19.65
CA SER A 14 -7.02 -6.89 19.59
C SER A 14 -8.07 -7.87 20.09
N PRO A 15 -7.87 -9.17 19.82
CA PRO A 15 -8.65 -10.23 20.47
C PRO A 15 -8.51 -10.24 21.99
N LEU A 16 -7.61 -9.44 22.57
CA LEU A 16 -7.38 -9.38 24.04
C LEU A 16 -7.95 -8.10 24.66
N GLY A 17 -8.40 -7.12 23.86
CA GLY A 17 -8.95 -5.87 24.43
C GLY A 17 -9.28 -4.84 23.39
N LEU A 18 -10.15 -3.88 23.77
CA LEU A 18 -10.62 -2.77 22.90
C LEU A 18 -9.70 -1.56 23.06
N ASP A 19 -8.57 -1.70 23.75
CA ASP A 19 -7.53 -0.65 23.85
C ASP A 19 -6.18 -1.29 24.20
N VAL A 20 -5.16 -0.44 24.31
CA VAL A 20 -3.78 -0.86 24.61
C VAL A 20 -3.72 -1.42 26.03
N PRO A 21 -4.12 -0.70 27.09
CA PRO A 21 -3.95 -1.20 28.46
C PRO A 21 -4.61 -2.55 28.71
N SER A 22 -5.86 -2.75 28.27
CA SER A 22 -6.60 -4.03 28.41
C SER A 22 -5.89 -5.13 27.62
N SER A 23 -5.47 -4.86 26.38
CA SER A 23 -4.68 -5.80 25.55
C SER A 23 -3.40 -6.21 26.28
N TRP A 24 -2.64 -5.23 26.79
CA TRP A 24 -1.30 -5.45 27.44
C TRP A 24 -1.48 -6.24 28.75
N GLU A 25 -2.54 -5.95 29.50
CA GLU A 25 -2.91 -6.69 30.74
C GLU A 25 -3.02 -8.18 30.38
N GLY A 26 -3.72 -8.49 29.30
CA GLY A 26 -3.94 -9.87 28.82
C GLY A 26 -2.63 -10.50 28.38
N ILE A 27 -1.82 -9.77 27.60
CA ILE A 27 -0.47 -10.22 27.17
C ILE A 27 0.34 -10.65 28.40
N LEU A 28 0.40 -9.81 29.45
CA LEU A 28 1.27 -10.07 30.64
C LEU A 28 0.70 -11.22 31.47
N ALA A 29 -0.61 -11.50 31.40
CA ALA A 29 -1.27 -12.60 32.13
C ALA A 29 -1.21 -13.92 31.35
N GLY A 30 -0.69 -13.91 30.11
CA GLY A 30 -0.61 -15.13 29.29
C GLY A 30 -1.98 -15.58 28.83
N ARG A 31 -2.91 -14.65 28.68
CA ARG A 31 -4.35 -14.92 28.33
C ARG A 31 -4.48 -15.11 26.81
N SER A 32 -5.26 -16.10 26.36
CA SER A 32 -5.57 -16.35 24.93
C SER A 32 -6.77 -15.49 24.52
N GLY A 33 -6.72 -14.88 23.33
CA GLY A 33 -7.87 -14.17 22.75
C GLY A 33 -8.57 -15.00 21.70
N ILE A 34 -8.28 -16.30 21.65
CA ILE A 34 -8.75 -17.18 20.56
C ILE A 34 -9.97 -17.99 21.04
N ALA A 35 -11.01 -18.03 20.22
CA ALA A 35 -12.29 -18.70 20.56
C ALA A 35 -12.99 -19.14 19.28
N PRO A 36 -13.94 -20.11 19.36
CA PRO A 36 -14.78 -20.42 18.20
C PRO A 36 -15.42 -19.13 17.68
N ILE A 37 -15.44 -18.95 16.36
CA ILE A 37 -16.02 -17.74 15.70
C ILE A 37 -17.55 -17.85 15.79
N GLU A 38 -18.20 -16.77 16.22
CA GLU A 38 -19.66 -16.71 16.49
C GLU A 38 -20.39 -15.94 15.39
N HIS A 39 -19.69 -15.06 14.66
CA HIS A 39 -20.33 -14.07 13.74
C HIS A 39 -20.73 -14.72 12.40
N MET A 40 -20.30 -15.96 12.11
CA MET A 40 -20.74 -16.70 10.91
C MET A 40 -20.73 -18.21 11.15
N ASP A 41 -21.42 -18.97 10.30
CA ASP A 41 -21.52 -20.45 10.33
C ASP A 41 -20.32 -21.03 9.57
N LEU A 42 -19.41 -21.68 10.29
CA LEU A 42 -18.14 -22.24 9.73
C LEU A 42 -18.18 -23.77 9.75
N SER A 43 -19.37 -24.36 9.87
CA SER A 43 -19.57 -25.83 9.96
C SER A 43 -18.90 -26.54 8.77
N ALA A 44 -18.91 -25.93 7.57
CA ALA A 44 -18.34 -26.49 6.31
C ALA A 44 -16.82 -26.24 6.21
N TYR A 45 -16.22 -25.50 7.13
CA TYR A 45 -14.80 -25.06 7.08
C TYR A 45 -13.97 -25.97 7.98
N SER A 46 -12.68 -26.16 7.64
CA SER A 46 -11.74 -27.03 8.39
C SER A 46 -11.20 -26.29 9.63
N THR A 47 -11.30 -24.96 9.66
CA THR A 47 -10.92 -24.11 10.82
C THR A 47 -12.12 -23.22 11.22
N ARG A 48 -12.55 -23.27 12.49
CA ARG A 48 -13.84 -22.70 12.93
C ARG A 48 -13.62 -21.72 14.09
N PHE A 49 -12.38 -21.32 14.33
CA PHE A 49 -11.96 -20.49 15.49
C PHE A 49 -10.98 -19.42 14.99
N GLY A 50 -10.73 -18.41 15.83
CA GLY A 50 -9.77 -17.32 15.59
C GLY A 50 -9.84 -16.25 16.65
N GLY A 51 -9.10 -15.15 16.43
CA GLY A 51 -9.06 -13.98 17.31
C GLY A 51 -9.99 -12.92 16.80
N SER A 52 -11.20 -12.86 17.34
CA SER A 52 -12.19 -11.80 17.02
C SER A 52 -11.98 -10.64 17.98
N VAL A 53 -12.26 -9.44 17.53
CA VAL A 53 -12.48 -8.27 18.43
C VAL A 53 -13.88 -8.41 19.03
N LYS A 54 -13.97 -8.47 20.37
CA LYS A 54 -15.23 -8.73 21.11
C LYS A 54 -15.77 -7.43 21.72
N GLY A 55 -17.04 -7.09 21.45
CA GLY A 55 -17.76 -5.97 22.07
C GLY A 55 -17.36 -4.62 21.49
N PHE A 56 -16.86 -4.59 20.25
CA PHE A 56 -16.46 -3.34 19.56
C PHE A 56 -17.68 -2.43 19.41
N ASN A 57 -17.58 -1.19 19.89
CA ASN A 57 -18.63 -0.15 19.79
C ASN A 57 -18.14 0.98 18.89
N VAL A 58 -18.39 0.89 17.58
CA VAL A 58 -17.94 1.91 16.59
C VAL A 58 -18.52 3.28 16.95
N GLU A 59 -19.68 3.34 17.62
CA GLU A 59 -20.38 4.61 17.94
C GLU A 59 -19.58 5.45 18.93
N GLU A 60 -18.55 4.89 19.58
CA GLU A 60 -17.58 5.68 20.39
C GLU A 60 -16.71 6.55 19.48
N TYR A 61 -16.67 6.26 18.18
CA TYR A 61 -15.78 6.90 17.19
C TYR A 61 -16.57 7.64 16.11
N LEU A 62 -17.61 7.02 15.55
CA LEU A 62 -18.37 7.53 14.37
C LEU A 62 -19.87 7.36 14.62
N SER A 63 -20.71 8.04 13.84
CA SER A 63 -22.17 7.80 13.78
C SER A 63 -22.42 6.42 13.16
N ALA A 64 -23.57 5.81 13.46
CA ALA A 64 -24.01 4.53 12.88
C ALA A 64 -24.08 4.70 11.36
N LYS A 65 -24.56 5.86 10.90
CA LYS A 65 -24.70 6.21 9.47
C LYS A 65 -23.34 6.12 8.78
N GLU A 66 -22.33 6.81 9.32
CA GLU A 66 -20.95 6.83 8.76
C GLU A 66 -20.39 5.40 8.77
N ALA A 67 -20.55 4.68 9.88
CA ALA A 67 -19.96 3.34 10.14
C ALA A 67 -20.50 2.30 9.14
N ARG A 68 -21.79 2.37 8.79
CA ARG A 68 -22.47 1.38 7.92
C ARG A 68 -21.83 1.36 6.52
N LYS A 69 -21.17 2.46 6.12
CA LYS A 69 -20.54 2.61 4.78
C LYS A 69 -19.14 1.97 4.76
N LEU A 70 -18.56 1.66 5.94
CA LEU A 70 -17.12 1.33 6.09
C LEU A 70 -16.97 -0.15 6.47
N ASP A 71 -16.09 -0.86 5.75
CA ASP A 71 -15.72 -2.25 6.08
C ASP A 71 -15.17 -2.24 7.51
N LEU A 72 -15.31 -3.35 8.23
CA LEU A 72 -14.80 -3.44 9.63
C LEU A 72 -13.30 -3.11 9.69
N PHE A 73 -12.49 -3.48 8.69
CA PHE A 73 -11.03 -3.22 8.75
C PHE A 73 -10.82 -1.70 8.84
N ILE A 74 -11.66 -0.93 8.16
CA ILE A 74 -11.58 0.57 8.20
C ILE A 74 -12.04 1.04 9.58
N GLN A 75 -13.13 0.48 10.10
CA GLN A 75 -13.66 0.88 11.42
C GLN A 75 -12.56 0.64 12.46
N TYR A 76 -11.91 -0.52 12.40
CA TYR A 76 -10.88 -0.96 13.36
C TYR A 76 -9.66 -0.04 13.24
N GLY A 77 -9.27 0.32 12.01
CA GLY A 77 -8.13 1.21 11.76
C GLY A 77 -8.38 2.60 12.34
N LEU A 78 -9.58 3.14 12.13
CA LEU A 78 -9.97 4.47 12.68
C LEU A 78 -10.01 4.42 14.21
N ALA A 79 -10.55 3.34 14.78
CA ALA A 79 -10.62 3.18 16.26
C ALA A 79 -9.22 3.29 16.87
N ALA A 80 -8.27 2.50 16.38
CA ALA A 80 -6.86 2.50 16.86
C ALA A 80 -6.21 3.87 16.64
N SER A 81 -6.46 4.49 15.48
CA SER A 81 -5.89 5.81 15.11
C SER A 81 -6.41 6.90 16.05
N PHE A 82 -7.72 6.98 16.26
CA PHE A 82 -8.34 7.95 17.20
C PHE A 82 -7.76 7.77 18.60
N GLN A 83 -7.65 6.52 19.08
CA GLN A 83 -7.08 6.21 20.42
C GLN A 83 -5.65 6.76 20.50
N ALA A 84 -4.81 6.45 19.51
CA ALA A 84 -3.37 6.82 19.48
C ALA A 84 -3.24 8.35 19.56
N VAL A 85 -4.01 9.06 18.73
CA VAL A 85 -3.97 10.55 18.67
C VAL A 85 -4.40 11.12 20.03
N ARG A 86 -5.49 10.63 20.63
CA ARG A 86 -5.93 11.02 21.98
C ARG A 86 -4.79 10.75 22.97
N ASP A 87 -4.24 9.55 22.94
CA ASP A 87 -3.14 9.10 23.85
C ASP A 87 -1.94 10.05 23.71
N SER A 88 -1.72 10.65 22.53
CA SER A 88 -0.54 11.51 22.25
C SER A 88 -0.67 12.89 22.93
N GLY A 89 -1.90 13.35 23.14
CA GLY A 89 -2.20 14.71 23.63
C GLY A 89 -2.08 15.74 22.52
N LEU A 90 -1.81 15.30 21.28
CA LEU A 90 -1.57 16.22 20.14
C LEU A 90 -2.86 17.01 19.87
N GLU A 91 -2.74 18.32 19.70
CA GLU A 91 -3.86 19.20 19.29
C GLU A 91 -3.57 19.68 17.87
N VAL A 92 -4.44 19.33 16.94
CA VAL A 92 -4.31 19.65 15.50
C VAL A 92 -4.81 21.08 15.29
N THR A 93 -3.97 21.96 14.74
CA THR A 93 -4.32 23.38 14.46
C THR A 93 -3.92 23.73 13.02
N ASP A 94 -4.29 24.92 12.56
CA ASP A 94 -3.83 25.46 11.25
C ASP A 94 -2.31 25.58 11.26
N ALA A 95 -1.70 25.75 12.43
CA ALA A 95 -0.23 25.91 12.58
C ALA A 95 0.50 24.60 12.26
N ASN A 96 -0.13 23.43 12.41
CA ASN A 96 0.62 22.14 12.30
C ASN A 96 -0.07 21.15 11.36
N ARG A 97 -1.28 21.40 10.89
CA ARG A 97 -2.08 20.34 10.20
C ARG A 97 -1.34 19.87 8.94
N GLU A 98 -0.54 20.73 8.29
CA GLU A 98 0.21 20.37 7.06
C GLU A 98 1.40 19.46 7.38
N ARG A 99 1.76 19.32 8.66
CA ARG A 99 2.98 18.60 9.10
C ARG A 99 2.57 17.28 9.77
N ILE A 100 1.29 16.94 9.77
CA ILE A 100 0.76 15.68 10.36
C ILE A 100 0.15 14.84 9.25
N GLY A 101 0.71 13.64 9.05
CA GLY A 101 0.25 12.68 8.05
C GLY A 101 -0.16 11.34 8.64
N VAL A 102 -0.57 10.44 7.77
CA VAL A 102 -1.11 9.11 8.19
C VAL A 102 -0.65 8.07 7.19
N SER A 103 -0.17 6.95 7.72
CA SER A 103 0.17 5.73 6.93
C SER A 103 -0.39 4.52 7.68
N MET A 104 -1.66 4.25 7.46
CA MET A 104 -2.35 3.06 8.02
C MET A 104 -2.65 2.14 6.86
N GLY A 105 -2.16 0.90 6.93
CA GLY A 105 -2.30 -0.08 5.85
C GLY A 105 -3.08 -1.30 6.26
N SER A 106 -3.21 -2.23 5.32
CA SER A 106 -3.91 -3.52 5.53
C SER A 106 -3.36 -4.53 4.52
N GLY A 107 -3.24 -5.79 4.94
CA GLY A 107 -2.80 -6.92 4.09
C GLY A 107 -3.81 -7.23 3.01
N ILE A 108 -5.07 -7.46 3.38
CA ILE A 108 -6.11 -7.92 2.42
C ILE A 108 -7.22 -6.88 2.27
N GLY A 109 -7.45 -6.05 3.28
CA GLY A 109 -8.38 -4.91 3.21
C GLY A 109 -9.82 -5.37 3.31
N GLY A 110 -10.70 -4.84 2.46
CA GLY A 110 -12.16 -4.90 2.66
C GLY A 110 -12.76 -6.16 2.12
N LEU A 111 -12.25 -7.33 2.50
CA LEU A 111 -12.63 -8.63 1.87
C LEU A 111 -14.09 -8.92 2.17
N THR A 112 -14.53 -8.68 3.41
CA THR A 112 -15.92 -8.92 3.87
C THR A 112 -16.88 -8.06 3.07
N ASN A 113 -16.62 -6.75 2.96
CA ASN A 113 -17.42 -5.81 2.14
C ASN A 113 -17.46 -6.31 0.69
N ILE A 114 -16.32 -6.68 0.12
CA ILE A 114 -16.23 -7.13 -1.30
C ILE A 114 -17.05 -8.42 -1.47
N GLU A 115 -16.98 -9.33 -0.50
CA GLU A 115 -17.73 -10.60 -0.49
C GLU A 115 -19.23 -10.30 -0.48
N ASN A 116 -19.68 -9.43 0.43
CA ASN A 116 -21.11 -9.06 0.58
C ASN A 116 -21.60 -8.40 -0.70
N ASN A 117 -20.80 -7.55 -1.33
CA ASN A 117 -21.22 -6.83 -2.56
C ASN A 117 -21.27 -7.81 -3.74
N CYS A 118 -20.41 -8.83 -3.73
CA CYS A 118 -20.39 -9.90 -4.74
C CYS A 118 -21.65 -10.77 -4.64
N ARG A 119 -22.02 -11.18 -3.42
CA ARG A 119 -23.25 -11.95 -3.13
C ARG A 119 -24.43 -11.20 -3.73
N SER A 120 -24.58 -9.91 -3.40
CA SER A 120 -25.63 -9.00 -3.93
C SER A 120 -25.59 -8.99 -5.45
N LEU A 121 -24.41 -8.85 -6.05
CA LEU A 121 -24.24 -8.73 -7.53
C LEU A 121 -24.78 -10.01 -8.19
N PHE A 122 -24.38 -11.18 -7.69
CA PHE A 122 -24.65 -12.49 -8.34
C PHE A 122 -26.11 -12.90 -8.12
N GLU A 123 -26.66 -12.56 -6.94
CA GLU A 123 -27.96 -13.10 -6.46
C GLU A 123 -29.09 -12.12 -6.79
N GLN A 124 -28.84 -10.81 -6.77
CA GLN A 124 -29.90 -9.77 -6.96
C GLN A 124 -29.58 -8.85 -8.15
N GLY A 125 -28.30 -8.64 -8.50
CA GLY A 125 -27.91 -7.87 -9.70
C GLY A 125 -27.09 -6.64 -9.35
N PRO A 126 -26.48 -5.94 -10.34
CA PRO A 126 -25.56 -4.84 -10.08
C PRO A 126 -26.15 -3.57 -9.43
N ARG A 127 -27.46 -3.39 -9.52
CA ARG A 127 -28.17 -2.25 -8.86
C ARG A 127 -28.24 -2.49 -7.34
N ARG A 128 -27.83 -3.65 -6.84
CA ARG A 128 -27.71 -3.90 -5.37
C ARG A 128 -26.26 -3.71 -4.87
N ILE A 129 -25.31 -3.33 -5.72
CA ILE A 129 -23.96 -2.91 -5.24
C ILE A 129 -24.10 -1.55 -4.54
N SER A 130 -23.52 -1.40 -3.35
CA SER A 130 -23.61 -0.14 -2.56
C SER A 130 -22.97 0.99 -3.35
N PRO A 131 -23.57 2.20 -3.37
CA PRO A 131 -22.90 3.39 -3.92
C PRO A 131 -21.57 3.72 -3.23
N PHE A 132 -21.36 3.24 -2.00
CA PHE A 132 -20.20 3.51 -1.13
C PHE A 132 -19.23 2.31 -1.17
N PHE A 133 -19.47 1.36 -2.07
CA PHE A 133 -18.66 0.12 -2.16
C PHE A 133 -17.16 0.46 -2.29
N VAL A 134 -16.77 1.26 -3.27
CA VAL A 134 -15.32 1.55 -3.52
C VAL A 134 -14.73 2.28 -2.31
N PRO A 135 -15.20 3.49 -1.93
CA PRO A 135 -14.59 4.22 -0.82
C PRO A 135 -14.71 3.50 0.55
N GLY A 136 -15.71 2.63 0.71
CA GLY A 136 -15.91 1.86 1.96
C GLY A 136 -15.09 0.59 2.04
N SER A 137 -14.36 0.21 0.98
CA SER A 137 -13.67 -1.10 0.87
C SER A 137 -12.16 -0.98 0.62
N ILE A 138 -11.66 0.10 0.02
CA ILE A 138 -10.24 0.16 -0.45
C ILE A 138 -9.33 0.54 0.72
N ILE A 139 -8.07 0.08 0.66
CA ILE A 139 -7.14 0.04 1.82
C ILE A 139 -6.71 1.45 2.23
N ASN A 140 -6.69 2.44 1.32
CA ASN A 140 -6.17 3.79 1.67
C ASN A 140 -7.20 4.60 2.48
N MET A 141 -8.39 4.06 2.72
CA MET A 141 -9.50 4.87 3.28
C MET A 141 -9.43 4.93 4.80
N VAL A 142 -8.58 4.13 5.46
CA VAL A 142 -8.26 4.42 6.90
C VAL A 142 -7.48 5.74 6.97
N SER A 143 -6.38 5.83 6.23
CA SER A 143 -5.61 7.09 6.09
C SER A 143 -6.55 8.22 5.62
N GLY A 144 -7.41 7.93 4.63
CA GLY A 144 -8.38 8.90 4.07
C GLY A 144 -9.31 9.46 5.15
N PHE A 145 -10.11 8.59 5.75
CA PHE A 145 -11.16 8.99 6.73
C PHE A 145 -10.49 9.60 7.97
N LEU A 146 -9.35 9.08 8.43
CA LEU A 146 -8.70 9.69 9.62
C LEU A 146 -8.29 11.14 9.29
N SER A 147 -7.78 11.37 8.09
CA SER A 147 -7.33 12.72 7.68
C SER A 147 -8.53 13.68 7.66
N ILE A 148 -9.68 13.22 7.16
CA ILE A 148 -10.96 14.01 7.08
C ILE A 148 -11.46 14.28 8.50
N HIS A 149 -11.51 13.26 9.36
CA HIS A 149 -12.04 13.40 10.74
C HIS A 149 -11.16 14.34 11.58
N LEU A 150 -9.83 14.23 11.49
CA LEU A 150 -8.90 14.98 12.37
C LEU A 150 -8.33 16.22 11.67
N GLY A 151 -8.47 16.35 10.34
CA GLY A 151 -7.94 17.53 9.62
C GLY A 151 -6.44 17.44 9.39
N LEU A 152 -5.93 16.23 9.10
CA LEU A 152 -4.49 15.94 8.82
C LEU A 152 -4.22 16.17 7.33
N GLN A 153 -3.31 17.07 6.99
CA GLN A 153 -3.03 17.51 5.59
C GLN A 153 -1.61 17.14 5.18
N GLY A 154 -0.87 16.43 6.03
CA GLY A 154 0.48 15.92 5.71
C GLY A 154 0.42 14.70 4.80
N PRO A 155 1.55 14.02 4.54
CA PRO A 155 1.59 12.86 3.65
C PRO A 155 0.52 11.82 4.03
N ASN A 156 -0.26 11.41 3.03
CA ASN A 156 -1.46 10.57 3.23
C ASN A 156 -1.31 9.35 2.32
N TYR A 157 -1.04 8.18 2.89
CA TYR A 157 -0.84 6.96 2.06
C TYR A 157 -1.05 5.70 2.89
N ALA A 158 -1.04 4.56 2.19
CA ALA A 158 -1.25 3.21 2.74
C ALA A 158 -0.31 2.24 2.02
N LEU A 159 0.34 1.39 2.81
CA LEU A 159 1.13 0.23 2.35
C LEU A 159 0.22 -0.99 2.38
N THR A 160 0.48 -1.93 1.49
CA THR A 160 -0.11 -3.28 1.51
C THR A 160 1.02 -4.24 1.15
N THR A 161 1.64 -4.80 2.19
CA THR A 161 2.75 -5.78 2.09
C THR A 161 2.34 -6.98 2.94
N ALA A 162 1.10 -7.45 2.75
CA ALA A 162 0.62 -8.71 3.35
C ALA A 162 0.90 -8.66 4.85
N GLN A 163 1.48 -9.70 5.43
CA GLN A 163 1.63 -9.82 6.91
C GLN A 163 2.77 -8.92 7.42
N THR A 164 3.39 -8.09 6.57
CA THR A 164 4.48 -7.17 6.96
C THR A 164 3.96 -5.73 7.01
N THR A 165 2.69 -5.51 6.67
CA THR A 165 2.12 -4.19 6.35
C THR A 165 2.36 -3.23 7.53
N GLY A 166 2.03 -3.66 8.74
CA GLY A 166 2.08 -2.80 9.94
C GLY A 166 3.50 -2.38 10.24
N THR A 167 4.45 -3.30 10.06
CA THR A 167 5.89 -3.04 10.27
C THR A 167 6.36 -2.01 9.25
N HIS A 168 6.05 -2.24 7.97
CA HIS A 168 6.46 -1.32 6.88
C HIS A 168 5.84 0.07 7.08
N SER A 169 4.56 0.12 7.46
CA SER A 169 3.79 1.38 7.63
C SER A 169 4.51 2.28 8.64
N ILE A 170 4.85 1.69 9.78
CA ILE A 170 5.52 2.37 10.92
C ILE A 170 6.93 2.79 10.47
N GLY A 171 7.68 1.89 9.84
CA GLY A 171 9.07 2.15 9.38
C GLY A 171 9.12 3.28 8.37
N MET A 172 8.23 3.28 7.38
CA MET A 172 8.27 4.31 6.29
C MET A 172 7.72 5.65 6.79
N ALA A 173 6.78 5.64 7.74
CA ALA A 173 6.28 6.86 8.43
C ALA A 173 7.45 7.52 9.20
N ALA A 174 8.25 6.71 9.91
CA ALA A 174 9.45 7.17 10.65
C ALA A 174 10.40 7.86 9.67
N ARG A 175 10.61 7.26 8.49
CA ARG A 175 11.47 7.83 7.42
C ARG A 175 10.93 9.20 7.00
N ASN A 176 9.61 9.32 6.79
CA ASN A 176 8.95 10.60 6.41
C ASN A 176 9.33 11.69 7.43
N ILE A 177 9.30 11.35 8.72
CA ILE A 177 9.60 12.31 9.82
C ILE A 177 11.11 12.58 9.84
N ALA A 178 11.94 11.54 9.75
CA ALA A 178 13.40 11.63 9.89
C ALA A 178 13.99 12.51 8.78
N TYR A 179 13.41 12.45 7.58
CA TYR A 179 13.90 13.17 6.37
C TYR A 179 13.07 14.45 6.14
N GLY A 180 12.19 14.82 7.07
CA GLY A 180 11.60 16.17 7.16
C GLY A 180 10.35 16.37 6.31
N GLU A 181 9.75 15.31 5.78
CA GLU A 181 8.49 15.38 5.00
C GLU A 181 7.30 15.62 5.95
N ALA A 182 7.46 15.32 7.25
CA ALA A 182 6.39 15.45 8.27
C ALA A 182 7.02 15.59 9.67
N ASP A 183 6.30 16.21 10.61
CA ASP A 183 6.71 16.29 12.04
C ASP A 183 6.01 15.16 12.83
N VAL A 184 4.81 14.78 12.38
CA VAL A 184 3.98 13.74 13.06
C VAL A 184 3.40 12.78 12.02
N MET A 185 3.33 11.51 12.35
CA MET A 185 2.65 10.50 11.50
C MET A 185 1.90 9.55 12.41
N VAL A 186 0.65 9.26 12.06
CA VAL A 186 -0.15 8.15 12.60
C VAL A 186 0.08 6.94 11.68
N ALA A 187 0.63 5.87 12.22
CA ALA A 187 1.09 4.72 11.40
C ALA A 187 0.73 3.41 12.06
N GLY A 188 0.46 2.40 11.24
CA GLY A 188 0.09 1.06 11.73
C GLY A 188 -0.71 0.32 10.69
N GLY A 189 -1.58 -0.57 11.14
CA GLY A 189 -2.39 -1.40 10.24
C GLY A 189 -3.65 -1.90 10.90
N SER A 190 -4.58 -2.35 10.07
CA SER A 190 -5.86 -2.96 10.49
C SER A 190 -6.19 -4.09 9.53
N GLU A 191 -6.89 -5.08 10.05
CA GLU A 191 -7.27 -6.29 9.30
C GLU A 191 -8.55 -6.86 9.91
N MET A 192 -9.48 -7.19 9.03
CA MET A 192 -10.65 -8.04 9.33
CA MET A 192 -10.65 -8.05 9.33
C MET A 192 -10.83 -8.98 8.14
N ALA A 193 -10.18 -10.14 8.17
CA ALA A 193 -10.20 -11.11 7.07
C ALA A 193 -11.07 -12.32 7.44
N ALA A 194 -11.76 -12.28 8.59
CA ALA A 194 -12.56 -13.40 9.12
C ALA A 194 -13.93 -13.41 8.40
N CYS A 195 -13.92 -13.82 7.14
CA CYS A 195 -15.12 -14.03 6.30
C CYS A 195 -14.88 -15.32 5.51
N GLY A 196 -15.88 -15.78 4.76
CA GLY A 196 -15.77 -16.98 3.91
C GLY A 196 -14.46 -17.00 3.12
N LEU A 197 -14.18 -15.94 2.37
CA LEU A 197 -13.02 -15.86 1.46
C LEU A 197 -11.72 -16.00 2.26
N GLY A 198 -11.66 -15.36 3.42
CA GLY A 198 -10.47 -15.33 4.28
C GLY A 198 -10.16 -16.70 4.85
N LEU A 199 -11.11 -17.26 5.61
CA LEU A 199 -10.97 -18.59 6.27
C LEU A 199 -10.90 -19.69 5.21
N GLY A 200 -11.64 -19.53 4.11
CA GLY A 200 -11.64 -20.46 2.97
C GLY A 200 -10.33 -20.40 2.21
N GLY A 201 -9.83 -19.19 1.94
CA GLY A 201 -8.59 -18.94 1.17
C GLY A 201 -7.37 -19.47 1.90
N PHE A 202 -7.25 -19.15 3.19
CA PHE A 202 -6.16 -19.66 4.06
C PHE A 202 -6.37 -21.16 4.33
N GLY A 203 -7.63 -21.59 4.43
CA GLY A 203 -8.01 -23.03 4.52
C GLY A 203 -7.56 -23.81 3.30
N ALA A 204 -7.81 -23.30 2.10
CA ALA A 204 -7.47 -23.95 0.81
C ALA A 204 -5.97 -24.21 0.73
N ALA A 205 -5.16 -23.27 1.23
CA ALA A 205 -3.68 -23.34 1.23
C ALA A 205 -3.17 -24.18 2.42
N ARG A 206 -4.07 -24.72 3.26
CA ARG A 206 -3.72 -25.51 4.48
C ARG A 206 -2.75 -24.73 5.39
N ALA A 207 -2.91 -23.41 5.50
CA ALA A 207 -2.01 -22.54 6.28
C ALA A 207 -2.46 -22.48 7.75
N LEU A 208 -3.74 -22.75 8.03
CA LEU A 208 -4.39 -22.50 9.34
C LEU A 208 -4.26 -23.73 10.24
N SER A 209 -4.11 -23.51 11.54
CA SER A 209 -4.33 -24.57 12.56
C SER A 209 -5.78 -25.08 12.43
N THR A 210 -5.95 -26.40 12.53
CA THR A 210 -7.28 -27.07 12.54
C THR A 210 -7.49 -27.73 13.91
N ARG A 211 -6.90 -27.18 14.99
CA ARG A 211 -7.13 -27.65 16.38
C ARG A 211 -8.46 -27.06 16.91
N ASN A 212 -9.58 -27.43 16.28
CA ASN A 212 -10.94 -26.88 16.53
C ASN A 212 -11.41 -27.23 17.95
N ASP A 213 -10.92 -28.34 18.50
CA ASP A 213 -11.39 -28.84 19.82
C ASP A 213 -10.72 -28.03 20.95
N GLU A 214 -9.58 -27.39 20.72
CA GLU A 214 -8.88 -26.56 21.76
C GLU A 214 -8.30 -25.29 21.12
N PRO A 215 -9.17 -24.33 20.70
CA PRO A 215 -8.71 -23.11 20.05
C PRO A 215 -7.60 -22.32 20.80
N THR A 216 -7.62 -22.28 22.14
CA THR A 216 -6.67 -21.47 22.93
C THR A 216 -5.28 -22.14 22.90
N ARG A 217 -5.19 -23.40 22.48
CA ARG A 217 -3.89 -24.14 22.39
C ARG A 217 -3.41 -24.22 20.94
N ALA A 218 -4.21 -23.73 19.98
CA ALA A 218 -3.90 -23.81 18.53
C ALA A 218 -2.58 -23.10 18.25
N SER A 219 -2.47 -21.83 18.67
CA SER A 219 -1.29 -20.98 18.39
C SER A 219 -0.17 -21.35 19.34
N ARG A 220 0.85 -22.08 18.86
CA ARG A 220 1.91 -22.62 19.74
C ARG A 220 3.26 -22.48 19.05
N PRO A 221 3.75 -21.23 18.86
CA PRO A 221 4.98 -20.98 18.13
C PRO A 221 6.15 -21.77 18.73
N TRP A 222 6.93 -22.42 17.85
CA TRP A 222 8.16 -23.21 18.13
C TRP A 222 7.84 -24.50 18.89
N ASP A 223 6.57 -24.77 19.21
CA ASP A 223 6.18 -26.04 19.86
C ASP A 223 6.20 -27.14 18.78
N ARG A 224 6.53 -28.37 19.16
CA ARG A 224 6.65 -29.52 18.20
C ARG A 224 5.27 -29.92 17.64
N ASP A 225 4.16 -29.58 18.30
CA ASP A 225 2.78 -29.98 17.90
C ASP A 225 2.07 -28.86 17.12
N ARG A 226 2.78 -27.81 16.72
CA ARG A 226 2.20 -26.66 15.97
C ARG A 226 1.76 -27.18 14.59
N ASP A 227 0.66 -26.62 14.05
CA ASP A 227 0.04 -27.08 12.77
C ASP A 227 -0.53 -25.88 11.97
N GLY A 228 0.10 -24.70 12.06
CA GLY A 228 -0.26 -23.53 11.23
C GLY A 228 -0.77 -22.37 12.07
N PHE A 229 -0.99 -21.22 11.44
CA PHE A 229 -1.29 -19.96 12.15
C PHE A 229 -2.78 -19.87 12.47
N VAL A 230 -3.13 -19.02 13.44
CA VAL A 230 -4.53 -18.72 13.83
C VAL A 230 -4.86 -17.33 13.29
N LEU A 231 -6.00 -17.21 12.60
CA LEU A 231 -6.42 -15.95 11.96
C LEU A 231 -7.06 -15.05 13.02
N SER A 232 -6.58 -13.81 13.14
CA SER A 232 -7.13 -12.82 14.09
C SER A 232 -7.39 -11.48 13.38
N ASP A 233 -8.24 -10.68 14.00
CA ASP A 233 -8.71 -9.37 13.50
C ASP A 233 -8.19 -8.30 14.47
N GLY A 234 -7.95 -7.10 13.98
CA GLY A 234 -7.70 -5.97 14.88
C GLY A 234 -6.97 -4.84 14.19
N SER A 235 -6.35 -3.99 15.00
CA SER A 235 -5.70 -2.73 14.55
C SER A 235 -4.68 -2.27 15.58
N GLY A 236 -3.64 -1.62 15.09
CA GLY A 236 -2.63 -0.94 15.91
C GLY A 236 -2.30 0.38 15.24
N ALA A 237 -2.19 1.45 16.00
CA ALA A 237 -1.71 2.74 15.49
C ALA A 237 -0.74 3.30 16.52
N LEU A 238 0.34 3.89 16.03
CA LEU A 238 1.32 4.68 16.84
C LEU A 238 1.28 6.10 16.30
N VAL A 239 1.36 7.07 17.20
CA VAL A 239 1.77 8.46 16.83
C VAL A 239 3.30 8.52 16.92
N LEU A 240 3.93 8.70 15.76
CA LEU A 240 5.38 8.92 15.59
C LEU A 240 5.57 10.43 15.50
N GLU A 241 6.64 10.92 16.11
CA GLU A 241 6.83 12.39 16.27
C GLU A 241 8.32 12.69 16.30
N GLU A 242 8.73 13.72 15.55
CA GLU A 242 10.08 14.30 15.62
C GLU A 242 10.34 14.71 17.08
N LEU A 243 11.55 14.43 17.57
CA LEU A 243 11.89 14.57 19.01
C LEU A 243 11.70 16.03 19.49
N GLU A 244 12.19 17.02 18.74
CA GLU A 244 12.12 18.44 19.18
C GLU A 244 10.66 18.90 19.19
N HIS A 245 9.86 18.44 18.24
CA HIS A 245 8.40 18.69 18.18
C HIS A 245 7.75 18.14 19.45
N ALA A 246 8.12 16.91 19.84
CA ALA A 246 7.58 16.22 21.03
C ALA A 246 7.95 17.03 22.28
N ARG A 247 9.25 17.34 22.45
CA ARG A 247 9.79 18.07 23.62
C ARG A 247 9.16 19.47 23.75
N ALA A 248 8.86 20.13 22.62
CA ALA A 248 8.34 21.51 22.52
C ALA A 248 6.90 21.60 23.07
N ARG A 249 6.10 20.54 22.94
CA ARG A 249 4.70 20.53 23.44
C ARG A 249 4.60 19.72 24.75
N GLY A 250 5.73 19.31 25.34
CA GLY A 250 5.77 18.54 26.60
C GLY A 250 5.10 17.18 26.49
N ALA A 251 5.27 16.49 25.35
CA ALA A 251 4.65 15.17 25.08
C ALA A 251 5.28 14.10 25.97
N ARG A 252 4.48 13.14 26.44
CA ARG A 252 4.98 11.89 27.09
CA ARG A 252 4.99 11.90 27.08
C ARG A 252 5.57 11.01 25.98
N ILE A 253 6.85 10.64 26.10
CA ILE A 253 7.58 9.82 25.08
C ILE A 253 7.67 8.39 25.61
N TYR A 254 7.10 7.42 24.88
CA TYR A 254 7.16 5.98 25.26
C TYR A 254 8.57 5.42 25.00
N ALA A 255 9.18 5.78 23.87
CA ALA A 255 10.40 5.12 23.37
C ALA A 255 10.85 5.80 22.08
N GLU A 256 12.05 5.48 21.64
CA GLU A 256 12.63 6.03 20.39
C GLU A 256 12.65 4.92 19.34
N LEU A 257 12.29 5.28 18.11
CA LEU A 257 12.37 4.39 16.91
C LEU A 257 13.70 4.70 16.23
N VAL A 258 14.67 3.80 16.35
CA VAL A 258 16.10 4.06 16.01
C VAL A 258 16.49 3.34 14.72
N GLY A 259 15.75 2.29 14.33
CA GLY A 259 16.15 1.45 13.18
C GLY A 259 14.98 0.88 12.43
N PHE A 260 15.10 0.82 11.11
CA PHE A 260 14.11 0.18 10.22
C PHE A 260 14.85 -0.57 9.12
N GLY A 261 14.49 -1.85 8.95
CA GLY A 261 15.01 -2.76 7.92
C GLY A 261 13.87 -3.27 7.04
N MET A 262 14.16 -3.34 5.75
CA MET A 262 13.36 -4.05 4.72
C MET A 262 14.32 -4.95 3.94
N SER A 263 13.80 -6.05 3.42
CA SER A 263 14.51 -6.94 2.48
C SER A 263 13.46 -7.77 1.76
N GLY A 264 13.85 -8.31 0.59
CA GLY A 264 13.13 -9.36 -0.12
C GLY A 264 13.91 -10.65 -0.02
N ASP A 265 13.22 -11.75 0.33
CA ASP A 265 13.73 -13.13 0.24
C ASP A 265 14.07 -13.43 -1.22
N ALA A 266 13.17 -13.09 -2.15
CA ALA A 266 13.25 -13.46 -3.57
C ALA A 266 13.31 -15.00 -3.66
N PHE A 267 12.56 -15.69 -2.82
CA PHE A 267 12.63 -17.16 -2.63
C PHE A 267 11.34 -17.82 -3.14
N HIS A 268 10.19 -17.51 -2.53
CA HIS A 268 8.91 -18.20 -2.80
C HIS A 268 7.75 -17.25 -2.49
N MET A 269 6.61 -17.45 -3.14
CA MET A 269 5.43 -16.55 -3.02
C MET A 269 4.87 -16.58 -1.58
N THR A 270 4.92 -17.73 -0.89
CA THR A 270 4.28 -17.91 0.43
C THR A 270 5.22 -18.55 1.47
N ALA A 271 6.16 -19.40 1.06
CA ALA A 271 7.07 -20.13 1.99
C ALA A 271 8.29 -19.27 2.31
N PRO A 272 8.78 -19.26 3.56
CA PRO A 272 10.06 -18.63 3.89
C PRO A 272 11.22 -19.57 3.60
N PRO A 273 12.44 -19.09 3.32
CA PRO A 273 13.60 -19.97 3.22
C PRO A 273 13.92 -20.58 4.60
N GLU A 274 14.32 -21.85 4.63
CA GLU A 274 14.53 -22.64 5.86
C GLU A 274 15.58 -21.97 6.76
N ASP A 275 16.61 -21.36 6.18
CA ASP A 275 17.77 -20.76 6.90
C ASP A 275 17.47 -19.31 7.32
N GLY A 276 16.29 -18.78 6.98
CA GLY A 276 15.87 -17.39 7.29
C GLY A 276 16.82 -16.36 6.70
N ALA A 277 17.43 -16.62 5.54
CA ALA A 277 18.41 -15.69 4.92
C ALA A 277 17.80 -14.29 4.80
N GLY A 278 16.55 -14.18 4.35
CA GLY A 278 15.91 -12.88 4.10
C GLY A 278 15.65 -12.12 5.39
N ALA A 279 15.14 -12.80 6.39
CA ALA A 279 14.88 -12.24 7.74
C ALA A 279 16.19 -11.72 8.32
N ALA A 280 17.28 -12.47 8.14
CA ALA A 280 18.64 -12.18 8.68
C ALA A 280 19.16 -10.90 8.02
N ARG A 281 19.02 -10.75 6.71
CA ARG A 281 19.41 -9.52 5.96
C ARG A 281 18.61 -8.35 6.51
N CYS A 282 17.31 -8.54 6.71
CA CYS A 282 16.39 -7.47 7.15
C CYS A 282 16.77 -6.97 8.54
N MET A 283 16.93 -7.86 9.52
CA MET A 283 17.38 -7.49 10.88
C MET A 283 18.76 -6.81 10.84
N LYS A 284 19.70 -7.29 10.04
CA LYS A 284 21.06 -6.70 9.93
C LYS A 284 20.95 -5.27 9.36
N ASN A 285 20.13 -5.07 8.33
CA ASN A 285 19.85 -3.72 7.77
C ASN A 285 19.33 -2.81 8.90
N ALA A 286 18.38 -3.30 9.69
CA ALA A 286 17.74 -2.52 10.79
C ALA A 286 18.80 -2.18 11.86
N LEU A 287 19.65 -3.13 12.24
CA LEU A 287 20.66 -2.92 13.32
C LEU A 287 21.71 -1.90 12.85
N ARG A 288 22.19 -2.04 11.61
CA ARG A 288 23.17 -1.09 11.02
C ARG A 288 22.53 0.29 10.93
N ASP A 289 21.25 0.35 10.53
CA ASP A 289 20.44 1.60 10.44
C ASP A 289 20.41 2.28 11.81
N ALA A 290 20.27 1.50 12.88
CA ALA A 290 20.25 1.97 14.29
C ALA A 290 21.68 2.27 14.79
N GLY A 291 22.70 1.84 14.05
CA GLY A 291 24.11 1.97 14.44
C GLY A 291 24.41 1.15 15.68
N LEU A 292 23.84 -0.04 15.82
CA LEU A 292 23.98 -0.87 17.05
C LEU A 292 24.90 -2.07 16.82
N ASP A 293 25.56 -2.49 17.90
CA ASP A 293 26.13 -3.84 18.11
C ASP A 293 24.95 -4.77 18.32
N PRO A 294 24.90 -5.94 17.64
CA PRO A 294 23.83 -6.91 17.85
C PRO A 294 23.66 -7.28 19.33
N ARG A 295 24.74 -7.19 20.12
CA ARG A 295 24.74 -7.57 21.55
C ARG A 295 23.96 -6.54 22.38
N GLN A 296 23.57 -5.41 21.79
CA GLN A 296 22.75 -4.40 22.49
C GLN A 296 21.27 -4.82 22.46
N VAL A 297 20.86 -5.80 21.64
CA VAL A 297 19.44 -6.26 21.55
C VAL A 297 19.12 -7.15 22.75
N ASP A 298 18.06 -6.79 23.50
CA ASP A 298 17.66 -7.42 24.77
C ASP A 298 16.39 -8.25 24.55
N TYR A 299 15.49 -7.78 23.69
CA TYR A 299 14.17 -8.43 23.44
C TYR A 299 13.85 -8.40 21.94
N ILE A 300 13.42 -9.55 21.41
CA ILE A 300 12.86 -9.66 20.03
C ILE A 300 11.40 -10.10 20.16
N ASN A 301 10.48 -9.30 19.64
CA ASN A 301 9.09 -9.75 19.35
C ASN A 301 9.12 -10.36 17.96
N ALA A 302 9.09 -11.70 17.91
CA ALA A 302 9.25 -12.51 16.69
C ALA A 302 7.97 -12.44 15.86
N HIS A 303 8.06 -12.74 14.57
CA HIS A 303 6.89 -12.97 13.69
C HIS A 303 6.10 -14.15 14.27
N GLY A 304 6.79 -15.28 14.50
CA GLY A 304 6.36 -16.43 15.31
C GLY A 304 4.90 -16.80 15.10
N THR A 305 4.55 -17.21 13.88
CA THR A 305 3.14 -17.37 13.42
C THR A 305 2.57 -18.73 13.84
N SER A 306 3.41 -19.68 14.24
CA SER A 306 3.01 -21.06 14.62
C SER A 306 2.94 -21.97 13.37
N THR A 307 3.61 -21.61 12.27
CA THR A 307 3.77 -22.44 11.05
C THR A 307 5.02 -23.30 11.21
N PRO A 308 5.03 -24.56 10.71
CA PRO A 308 6.24 -25.39 10.75
C PRO A 308 7.51 -24.69 10.22
N ALA A 309 7.45 -24.14 9.01
CA ALA A 309 8.61 -23.55 8.28
C ALA A 309 8.99 -22.19 8.85
N GLY A 310 8.01 -21.31 9.11
CA GLY A 310 8.28 -19.92 9.55
C GLY A 310 9.01 -19.90 10.88
N ASP A 311 8.56 -20.71 11.84
CA ASP A 311 9.06 -20.67 13.24
C ASP A 311 10.54 -21.05 13.25
N ILE A 312 10.92 -22.11 12.53
CA ILE A 312 12.33 -22.60 12.50
C ILE A 312 13.20 -21.60 11.71
N ALA A 313 12.70 -21.03 10.61
CA ALA A 313 13.42 -20.02 9.81
C ALA A 313 13.82 -18.83 10.70
N GLU A 314 12.91 -18.36 11.56
CA GLU A 314 13.17 -17.22 12.50
C GLU A 314 14.26 -17.59 13.51
N ILE A 315 14.24 -18.80 14.07
CA ILE A 315 15.35 -19.26 14.97
C ILE A 315 16.67 -19.17 14.20
N ALA A 316 16.72 -19.72 12.99
CA ALA A 316 17.95 -19.74 12.15
C ALA A 316 18.44 -18.30 11.92
N ALA A 317 17.54 -17.39 11.54
CA ALA A 317 17.87 -15.98 11.22
C ALA A 317 18.42 -15.30 12.48
N VAL A 318 17.84 -15.57 13.64
CA VAL A 318 18.31 -14.93 14.90
C VAL A 318 19.72 -15.45 15.23
N LYS A 319 19.97 -16.75 15.10
CA LYS A 319 21.31 -17.35 15.34
C LYS A 319 22.33 -16.76 14.35
N SER A 320 21.93 -16.56 13.09
CA SER A 320 22.82 -15.96 12.05
CA SER A 320 22.81 -15.96 12.04
C SER A 320 23.20 -14.54 12.45
N VAL A 321 22.22 -13.72 12.83
CA VAL A 321 22.42 -12.27 13.10
C VAL A 321 23.19 -12.09 14.42
N PHE A 322 22.86 -12.86 15.46
CA PHE A 322 23.29 -12.56 16.85
C PHE A 322 24.37 -13.52 17.38
N GLY A 323 24.71 -14.60 16.65
CA GLY A 323 25.70 -15.60 17.11
C GLY A 323 25.38 -16.07 18.52
N GLU A 324 26.39 -16.11 19.39
CA GLU A 324 26.23 -16.56 20.81
C GLU A 324 25.26 -15.64 21.57
N HIS A 325 25.16 -14.35 21.21
CA HIS A 325 24.24 -13.41 21.89
C HIS A 325 22.77 -13.86 21.71
N ALA A 326 22.49 -14.72 20.71
CA ALA A 326 21.17 -15.35 20.50
C ALA A 326 20.70 -16.03 21.81
N HIS A 327 21.63 -16.49 22.64
CA HIS A 327 21.33 -17.22 23.91
C HIS A 327 21.17 -16.26 25.09
N ALA A 328 21.51 -14.97 24.94
CA ALA A 328 21.45 -13.97 26.03
C ALA A 328 20.16 -13.14 25.89
N LEU A 329 19.73 -12.85 24.67
CA LEU A 329 18.51 -12.05 24.42
C LEU A 329 17.28 -12.93 24.69
N SER A 330 16.13 -12.31 24.94
CA SER A 330 14.80 -12.97 25.06
C SER A 330 14.01 -12.74 23.77
N MET A 331 13.43 -13.80 23.22
CA MET A 331 12.56 -13.71 22.02
C MET A 331 11.21 -14.35 22.34
N SER A 332 10.10 -13.66 22.09
CA SER A 332 8.75 -14.26 22.30
C SER A 332 7.86 -13.94 21.12
N SER A 333 6.86 -14.78 20.93
CA SER A 333 5.74 -14.55 19.98
C SER A 333 4.48 -14.27 20.79
N THR A 334 3.99 -13.04 20.69
CA THR A 334 2.69 -12.63 21.29
C THR A 334 1.55 -13.23 20.46
N LYS A 335 1.83 -13.75 19.25
CA LYS A 335 0.84 -14.49 18.44
C LYS A 335 0.37 -15.76 19.15
N SER A 336 1.16 -16.29 20.10
CA SER A 336 0.70 -17.40 20.97
C SER A 336 -0.64 -17.03 21.62
N MET A 337 -0.89 -15.74 21.87
CA MET A 337 -2.07 -15.22 22.62
C MET A 337 -3.05 -14.47 21.70
N THR A 338 -2.56 -13.63 20.78
CA THR A 338 -3.43 -12.79 19.89
C THR A 338 -3.82 -13.55 18.63
N GLY A 339 -3.08 -14.60 18.27
CA GLY A 339 -3.05 -15.13 16.89
C GLY A 339 -2.47 -14.08 15.94
N HIS A 340 -2.67 -14.31 14.64
CA HIS A 340 -1.98 -13.61 13.53
C HIS A 340 -2.89 -12.54 12.99
N LEU A 341 -2.61 -11.27 13.27
CA LEU A 341 -3.47 -10.14 12.84
C LEU A 341 -3.10 -9.72 11.41
N LEU A 342 -2.37 -10.57 10.68
CA LEU A 342 -1.94 -10.33 9.28
C LEU A 342 -1.35 -8.92 9.16
N GLY A 343 -1.97 -8.03 8.37
CA GLY A 343 -1.45 -6.68 8.12
C GLY A 343 -1.42 -5.81 9.37
N ALA A 344 -2.21 -6.15 10.40
CA ALA A 344 -2.23 -5.41 11.68
C ALA A 344 -1.19 -5.98 12.67
N ALA A 345 -0.60 -7.16 12.37
CA ALA A 345 0.28 -7.90 13.31
C ALA A 345 1.51 -7.06 13.70
N GLY A 346 2.20 -6.47 12.71
CA GLY A 346 3.39 -5.65 12.95
C GLY A 346 3.07 -4.38 13.74
N ALA A 347 1.85 -3.85 13.62
CA ALA A 347 1.38 -2.66 14.36
C ALA A 347 1.21 -3.02 15.85
N VAL A 348 0.37 -4.00 16.17
CA VAL A 348 0.11 -4.40 17.59
C VAL A 348 1.42 -4.89 18.22
N GLU A 349 2.27 -5.57 17.46
CA GLU A 349 3.55 -6.13 17.99
C GLU A 349 4.60 -5.02 18.15
N ALA A 350 4.57 -3.95 17.33
CA ALA A 350 5.37 -2.72 17.57
C ALA A 350 4.95 -2.16 18.92
N ILE A 351 3.65 -2.07 19.18
CA ILE A 351 3.10 -1.54 20.45
C ILE A 351 3.55 -2.43 21.62
N PHE A 352 3.52 -3.75 21.48
CA PHE A 352 3.93 -4.67 22.57
C PHE A 352 5.44 -4.52 22.84
N SER A 353 6.24 -4.22 21.81
CA SER A 353 7.72 -4.01 21.92
C SER A 353 7.98 -2.72 22.68
N VAL A 354 7.23 -1.67 22.38
CA VAL A 354 7.30 -0.35 23.08
C VAL A 354 6.95 -0.54 24.57
N LEU A 355 5.91 -1.32 24.88
CA LEU A 355 5.47 -1.53 26.29
C LEU A 355 6.44 -2.47 27.02
N ALA A 356 7.10 -3.40 26.31
CA ALA A 356 8.16 -4.25 26.88
C ALA A 356 9.30 -3.34 27.35
N LEU A 357 9.60 -2.27 26.59
CA LEU A 357 10.58 -1.22 27.00
C LEU A 357 10.03 -0.44 28.20
N ARG A 358 8.77 0.02 28.15
CA ARG A 358 8.18 0.86 29.25
C ARG A 358 8.23 0.05 30.56
N ASP A 359 7.82 -1.21 30.53
CA ASP A 359 7.54 -2.03 31.75
C ASP A 359 8.71 -2.95 32.06
N GLN A 360 9.75 -2.96 31.20
CA GLN A 360 10.98 -3.79 31.37
C GLN A 360 10.55 -5.24 31.61
N VAL A 361 9.77 -5.79 30.67
CA VAL A 361 9.25 -7.19 30.75
C VAL A 361 9.14 -7.76 29.34
N ALA A 362 9.62 -9.00 29.17
CA ALA A 362 9.42 -9.82 27.96
C ALA A 362 8.08 -10.53 28.07
N PRO A 363 7.14 -10.25 27.15
CA PRO A 363 5.89 -11.01 27.05
C PRO A 363 6.14 -12.50 26.82
N PRO A 364 5.25 -13.39 27.30
CA PRO A 364 5.50 -14.82 27.18
C PRO A 364 5.16 -15.34 25.78
N THR A 365 5.76 -16.47 25.41
CA THR A 365 5.18 -17.38 24.38
C THR A 365 4.38 -18.47 25.10
N ILE A 366 3.04 -18.38 25.12
CA ILE A 366 2.20 -19.42 25.80
C ILE A 366 2.14 -20.65 24.89
N ASN A 367 1.76 -21.80 25.45
CA ASN A 367 1.53 -23.08 24.72
C ASN A 367 2.83 -23.72 24.24
N LEU A 368 4.00 -23.13 24.54
CA LEU A 368 5.32 -23.69 24.21
C LEU A 368 5.65 -24.80 25.22
N ASP A 369 4.96 -25.93 25.10
CA ASP A 369 5.03 -27.06 26.08
C ASP A 369 6.30 -27.87 25.80
N ASN A 370 6.57 -28.11 24.52
CA ASN A 370 7.69 -28.96 24.05
C ASN A 370 8.37 -28.25 22.87
N PRO A 371 9.40 -27.43 23.12
CA PRO A 371 10.13 -26.75 22.05
C PRO A 371 10.64 -27.76 21.03
N ASP A 372 10.54 -27.41 19.75
CA ASP A 372 10.89 -28.29 18.62
C ASP A 372 12.41 -28.37 18.54
N GLU A 373 12.94 -29.31 17.75
CA GLU A 373 14.39 -29.50 17.53
C GLU A 373 14.98 -28.16 17.08
N GLY A 374 16.05 -27.72 17.74
CA GLY A 374 16.81 -26.52 17.36
C GLY A 374 16.22 -25.23 17.93
N CYS A 375 15.02 -25.29 18.52
CA CYS A 375 14.33 -24.11 19.14
C CYS A 375 14.78 -23.99 20.60
N ASP A 376 16.07 -23.72 20.83
CA ASP A 376 16.74 -23.88 22.15
C ASP A 376 17.14 -22.51 22.74
N LEU A 377 16.59 -21.40 22.22
CA LEU A 377 16.82 -20.03 22.72
C LEU A 377 15.88 -19.73 23.89
N ASP A 378 16.05 -18.58 24.54
CA ASP A 378 15.10 -18.08 25.57
C ASP A 378 13.87 -17.54 24.83
N LEU A 379 12.83 -18.36 24.74
CA LEU A 379 11.56 -18.05 24.04
C LEU A 379 10.49 -17.67 25.07
N VAL A 380 10.89 -17.43 26.32
CA VAL A 380 10.00 -16.89 27.38
C VAL A 380 8.73 -17.76 27.46
N ALA A 381 8.88 -19.09 27.43
CA ALA A 381 7.76 -20.06 27.53
C ALA A 381 6.86 -19.72 28.74
N HIS A 382 5.54 -19.70 28.52
CA HIS A 382 4.46 -19.80 29.54
C HIS A 382 4.21 -18.47 30.28
N GLU A 383 5.23 -17.81 30.80
CA GLU A 383 5.06 -16.68 31.75
C GLU A 383 5.96 -15.51 31.36
N ALA A 384 5.45 -14.29 31.52
CA ALA A 384 6.19 -13.03 31.31
C ALA A 384 7.47 -13.06 32.16
N LYS A 385 8.53 -12.45 31.66
CA LYS A 385 9.85 -12.44 32.34
C LYS A 385 10.31 -11.00 32.47
N PRO A 386 10.25 -10.41 33.69
CA PRO A 386 10.87 -9.11 33.95
C PRO A 386 12.37 -9.24 33.68
N ARG A 387 12.93 -8.32 32.91
CA ARG A 387 14.40 -8.29 32.63
C ARG A 387 14.76 -6.88 32.16
N LYS A 388 16.05 -6.58 32.08
CA LYS A 388 16.55 -5.32 31.50
C LYS A 388 16.33 -5.38 29.98
N ILE A 389 15.72 -4.35 29.43
CA ILE A 389 15.49 -4.19 27.97
C ILE A 389 15.80 -2.74 27.62
N ASP A 390 16.95 -2.48 27.00
CA ASP A 390 17.29 -1.13 26.47
C ASP A 390 16.90 -1.07 24.98
N VAL A 391 17.00 -2.19 24.28
CA VAL A 391 16.71 -2.30 22.82
C VAL A 391 15.76 -3.47 22.57
N ALA A 392 14.70 -3.22 21.83
CA ALA A 392 13.66 -4.21 21.44
C ALA A 392 13.51 -4.18 19.93
N LEU A 393 13.49 -5.37 19.32
CA LEU A 393 13.33 -5.59 17.87
C LEU A 393 11.95 -6.22 17.64
N SER A 394 11.28 -5.84 16.56
CA SER A 394 9.98 -6.43 16.13
C SER A 394 10.11 -6.84 14.67
N ASN A 395 9.95 -8.14 14.40
CA ASN A 395 10.09 -8.73 13.04
C ASN A 395 8.72 -9.07 12.47
N SER A 396 8.53 -8.79 11.18
CA SER A 396 7.41 -9.28 10.34
C SER A 396 7.97 -9.84 9.03
N PHE A 397 7.44 -10.96 8.57
CA PHE A 397 7.72 -11.55 7.24
C PHE A 397 6.37 -11.87 6.62
N GLY A 398 6.26 -11.71 5.29
CA GLY A 398 4.99 -11.80 4.58
C GLY A 398 5.12 -12.52 3.26
N PHE A 399 3.97 -12.87 2.68
CA PHE A 399 3.83 -13.38 1.30
C PHE A 399 4.61 -12.44 0.36
N GLY A 400 5.25 -13.01 -0.66
CA GLY A 400 6.08 -12.26 -1.63
C GLY A 400 7.50 -12.14 -1.15
N GLY A 401 7.81 -12.81 -0.03
CA GLY A 401 9.13 -12.76 0.63
C GLY A 401 9.45 -11.37 1.16
N THR A 402 8.45 -10.61 1.57
CA THR A 402 8.64 -9.22 2.05
C THR A 402 8.93 -9.28 3.57
N ASN A 403 10.04 -8.69 3.98
CA ASN A 403 10.52 -8.69 5.38
C ASN A 403 10.60 -7.25 5.87
N GLY A 404 10.35 -7.06 7.17
CA GLY A 404 10.46 -5.77 7.87
C GLY A 404 10.91 -5.98 9.29
N THR A 405 11.80 -5.11 9.78
CA THR A 405 12.29 -5.10 11.17
C THR A 405 12.26 -3.66 11.67
N LEU A 406 11.69 -3.45 12.86
CA LEU A 406 11.77 -2.17 13.60
C LEU A 406 12.67 -2.37 14.82
N VAL A 407 13.51 -1.38 15.10
CA VAL A 407 14.35 -1.33 16.32
C VAL A 407 13.87 -0.15 17.17
N PHE A 408 13.47 -0.46 18.39
CA PHE A 408 13.05 0.52 19.42
C PHE A 408 14.08 0.53 20.55
N ARG A 409 14.26 1.69 21.16
CA ARG A 409 15.24 1.88 22.26
C ARG A 409 14.59 2.77 23.32
N ARG A 410 14.83 2.49 24.61
CA ARG A 410 14.44 3.38 25.74
C ARG A 410 14.90 4.81 25.40
N PHE A 411 14.07 5.80 25.71
CA PHE A 411 14.46 7.22 25.61
C PHE A 411 14.80 7.77 27.00
N ARG B 2 21.43 14.10 -0.51
CA ARG B 2 20.51 13.37 -1.39
C ARG B 2 21.17 13.06 -2.74
N ARG B 3 21.11 11.80 -3.17
CA ARG B 3 21.61 11.34 -4.49
C ARG B 3 20.54 11.65 -5.54
N ARG B 4 20.99 11.88 -6.78
CA ARG B 4 20.13 12.17 -7.95
C ARG B 4 19.55 10.87 -8.54
N VAL B 5 18.31 10.94 -9.02
CA VAL B 5 17.53 9.75 -9.48
C VAL B 5 17.11 9.99 -10.93
N VAL B 6 17.47 9.05 -11.80
CA VAL B 6 17.14 9.09 -13.24
C VAL B 6 16.29 7.88 -13.60
N ILE B 7 15.60 8.00 -14.73
CA ILE B 7 14.73 6.97 -15.36
C ILE B 7 15.54 6.33 -16.48
N THR B 8 15.73 5.01 -16.42
CA THR B 8 16.58 4.27 -17.39
C THR B 8 15.77 3.21 -18.14
N GLY B 9 14.49 3.04 -17.81
CA GLY B 9 13.63 2.01 -18.40
C GLY B 9 12.16 2.29 -18.15
N MET B 10 11.30 1.97 -19.10
CA MET B 10 9.84 2.17 -18.97
C MET B 10 9.12 1.01 -19.66
N GLY B 11 7.94 0.67 -19.15
CA GLY B 11 7.10 -0.41 -19.65
C GLY B 11 5.65 -0.06 -19.41
N MET B 12 4.74 -0.59 -20.20
CA MET B 12 3.33 -0.16 -20.15
C MET B 12 2.43 -1.19 -20.82
N LEU B 13 1.25 -1.38 -20.23
CA LEU B 13 0.03 -1.87 -20.92
C LEU B 13 -1.01 -0.77 -20.79
N SER B 14 -1.57 -0.33 -21.89
CA SER B 14 -2.61 0.72 -21.91
C SER B 14 -3.69 0.32 -22.90
N PRO B 15 -4.86 0.98 -22.84
CA PRO B 15 -5.85 0.86 -23.90
C PRO B 15 -5.36 1.33 -25.27
N LEU B 16 -4.17 1.95 -25.35
CA LEU B 16 -3.61 2.42 -26.65
C LEU B 16 -2.48 1.50 -27.16
N GLY B 17 -2.00 0.55 -26.36
CA GLY B 17 -0.91 -0.34 -26.83
C GLY B 17 -0.40 -1.28 -25.74
N LEU B 18 0.24 -2.36 -26.18
CA LEU B 18 0.83 -3.40 -25.29
C LEU B 18 2.27 -3.03 -24.93
N ASP B 19 2.74 -1.83 -25.29
CA ASP B 19 4.05 -1.30 -24.83
C ASP B 19 4.06 0.24 -24.86
N VAL B 20 5.18 0.83 -24.49
CA VAL B 20 5.34 2.30 -24.40
C VAL B 20 5.29 2.88 -25.81
N PRO B 21 6.12 2.47 -26.78
CA PRO B 21 6.14 3.12 -28.09
C PRO B 21 4.78 3.11 -28.81
N SER B 22 4.06 1.99 -28.80
CA SER B 22 2.70 1.88 -29.41
C SER B 22 1.72 2.79 -28.67
N SER B 23 1.73 2.80 -27.33
CA SER B 23 0.90 3.70 -26.50
C SER B 23 1.19 5.17 -26.87
N TRP B 24 2.48 5.56 -26.92
CA TRP B 24 2.93 6.95 -27.17
C TRP B 24 2.54 7.40 -28.58
N GLU B 25 2.66 6.49 -29.56
CA GLU B 25 2.21 6.72 -30.96
C GLU B 25 0.75 7.16 -30.93
N GLY B 26 -0.09 6.44 -30.18
CA GLY B 26 -1.53 6.74 -30.04
C GLY B 26 -1.75 8.09 -29.39
N ILE B 27 -1.05 8.35 -28.29
CA ILE B 27 -1.13 9.65 -27.56
C ILE B 27 -0.85 10.80 -28.53
N LEU B 28 0.22 10.73 -29.33
CA LEU B 28 0.64 11.82 -30.23
C LEU B 28 -0.33 11.97 -31.41
N ALA B 29 -1.06 10.92 -31.79
CA ALA B 29 -2.06 10.95 -32.89
C ALA B 29 -3.44 11.39 -32.38
N GLY B 30 -3.61 11.61 -31.08
CA GLY B 30 -4.92 11.98 -30.50
C GLY B 30 -5.93 10.84 -30.59
N ARG B 31 -5.44 9.59 -30.54
CA ARG B 31 -6.22 8.35 -30.72
C ARG B 31 -6.91 7.98 -29.40
N SER B 32 -8.17 7.56 -29.45
CA SER B 32 -8.93 7.06 -28.26
C SER B 32 -8.66 5.58 -28.09
N GLY B 33 -8.46 5.12 -26.85
CA GLY B 33 -8.35 3.70 -26.50
C GLY B 33 -9.66 3.17 -25.94
N ILE B 34 -10.74 3.94 -26.08
CA ILE B 34 -12.04 3.65 -25.41
C ILE B 34 -12.98 2.99 -26.43
N ALA B 35 -13.58 1.88 -26.03
CA ALA B 35 -14.44 1.06 -26.89
C ALA B 35 -15.47 0.33 -26.04
N PRO B 36 -16.60 -0.11 -26.61
CA PRO B 36 -17.51 -1.00 -25.91
C PRO B 36 -16.73 -2.21 -25.37
N ILE B 37 -16.97 -2.56 -24.12
CA ILE B 37 -16.29 -3.71 -23.44
C ILE B 37 -16.90 -5.00 -23.99
N GLU B 38 -16.06 -5.95 -24.41
CA GLU B 38 -16.46 -7.20 -25.10
C GLU B 38 -16.29 -8.40 -24.17
N HIS B 39 -15.44 -8.30 -23.14
CA HIS B 39 -15.01 -9.45 -22.30
C HIS B 39 -16.10 -9.85 -21.29
N MET B 40 -17.15 -9.04 -21.11
CA MET B 40 -18.31 -9.39 -20.26
C MET B 40 -19.61 -8.73 -20.79
N ASP B 41 -20.76 -9.20 -20.32
CA ASP B 41 -22.09 -8.70 -20.76
C ASP B 41 -22.50 -7.51 -19.89
N LEU B 42 -22.51 -6.31 -20.46
CA LEU B 42 -22.83 -5.06 -19.73
C LEU B 42 -24.17 -4.49 -20.21
N SER B 43 -24.98 -5.30 -20.90
CA SER B 43 -26.30 -4.93 -21.48
C SER B 43 -27.15 -4.18 -20.45
N ALA B 44 -27.16 -4.68 -19.20
CA ALA B 44 -27.99 -4.22 -18.08
C ALA B 44 -27.35 -3.04 -17.33
N TYR B 45 -26.14 -2.63 -17.69
CA TYR B 45 -25.36 -1.57 -16.99
C TYR B 45 -25.54 -0.23 -17.70
N SER B 46 -25.40 0.88 -16.95
CA SER B 46 -25.57 2.26 -17.46
C SER B 46 -24.32 2.71 -18.21
N THR B 47 -23.17 2.07 -17.96
CA THR B 47 -21.89 2.32 -18.68
C THR B 47 -21.40 1.00 -19.28
N ARG B 48 -21.20 0.93 -20.60
CA ARG B 48 -20.95 -0.36 -21.32
C ARG B 48 -19.62 -0.31 -22.09
N PHE B 49 -18.81 0.70 -21.80
CA PHE B 49 -17.56 0.99 -22.53
C PHE B 49 -16.47 1.33 -21.48
N GLY B 50 -15.22 1.33 -21.94
CA GLY B 50 -14.02 1.61 -21.13
C GLY B 50 -12.76 1.40 -21.94
N GLY B 51 -11.62 1.55 -21.27
CA GLY B 51 -10.29 1.32 -21.85
C GLY B 51 -9.82 -0.06 -21.46
N SER B 52 -9.99 -1.03 -22.35
CA SER B 52 -9.49 -2.41 -22.16
C SER B 52 -8.07 -2.51 -22.75
N VAL B 53 -7.25 -3.34 -22.15
CA VAL B 53 -5.99 -3.83 -22.78
C VAL B 53 -6.40 -4.90 -23.80
N LYS B 54 -6.07 -4.71 -25.07
CA LYS B 54 -6.56 -5.54 -26.21
C LYS B 54 -5.42 -6.43 -26.72
N GLY B 55 -5.63 -7.75 -26.73
CA GLY B 55 -4.67 -8.73 -27.28
C GLY B 55 -3.51 -9.01 -26.34
N PHE B 56 -3.68 -8.79 -25.03
CA PHE B 56 -2.66 -9.12 -24.01
C PHE B 56 -2.37 -10.63 -24.07
N ASN B 57 -1.10 -10.98 -24.24
CA ASN B 57 -0.60 -12.37 -24.39
C ASN B 57 0.30 -12.70 -23.19
N VAL B 58 -0.28 -13.12 -22.07
CA VAL B 58 0.47 -13.34 -20.79
C VAL B 58 1.62 -14.33 -21.01
N GLU B 59 1.48 -15.29 -21.94
CA GLU B 59 2.50 -16.36 -22.15
C GLU B 59 3.79 -15.79 -22.77
N GLU B 60 3.82 -14.52 -23.20
CA GLU B 60 5.08 -13.81 -23.53
C GLU B 60 5.89 -13.54 -22.26
N TYR B 61 5.25 -13.58 -21.09
CA TYR B 61 5.87 -13.20 -19.80
C TYR B 61 5.98 -14.41 -18.85
N LEU B 62 4.91 -15.19 -18.74
CA LEU B 62 4.79 -16.26 -17.70
C LEU B 62 4.39 -17.56 -18.38
N SER B 63 4.61 -18.69 -17.71
CA SER B 63 4.00 -20.00 -18.08
C SER B 63 2.49 -19.91 -17.83
N ALA B 64 1.69 -20.79 -18.46
CA ALA B 64 0.24 -20.89 -18.22
C ALA B 64 0.01 -21.22 -16.73
N LYS B 65 0.85 -22.07 -16.14
CA LYS B 65 0.79 -22.45 -14.70
C LYS B 65 0.89 -21.19 -13.83
N GLU B 66 1.93 -20.38 -14.05
CA GLU B 66 2.20 -19.14 -13.29
C GLU B 66 1.01 -18.19 -13.48
N ALA B 67 0.52 -18.02 -14.72
CA ALA B 67 -0.55 -17.07 -15.09
C ALA B 67 -1.88 -17.42 -14.40
N ARG B 68 -2.22 -18.70 -14.32
CA ARG B 68 -3.52 -19.17 -13.74
C ARG B 68 -3.58 -18.84 -12.24
N LYS B 69 -2.43 -18.69 -11.58
CA LYS B 69 -2.36 -18.32 -10.14
C LYS B 69 -2.68 -16.84 -9.93
N LEU B 70 -2.49 -15.98 -10.94
CA LEU B 70 -2.31 -14.51 -10.72
C LEU B 70 -3.48 -13.74 -11.33
N ASP B 71 -4.08 -12.84 -10.55
CA ASP B 71 -5.16 -11.95 -11.01
C ASP B 71 -4.60 -11.15 -12.21
N LEU B 72 -5.45 -10.73 -13.13
CA LEU B 72 -5.04 -9.92 -14.30
C LEU B 72 -4.25 -8.68 -13.87
N PHE B 73 -4.62 -8.01 -12.76
CA PHE B 73 -3.93 -6.77 -12.35
C PHE B 73 -2.47 -7.11 -12.08
N ILE B 74 -2.19 -8.29 -11.56
CA ILE B 74 -0.80 -8.73 -11.26
C ILE B 74 -0.12 -9.06 -12.59
N GLN B 75 -0.81 -9.73 -13.50
CA GLN B 75 -0.23 -10.08 -14.81
C GLN B 75 0.17 -8.77 -15.52
N TYR B 76 -0.71 -7.77 -15.49
CA TYR B 76 -0.48 -6.46 -16.18
C TYR B 76 0.72 -5.75 -15.52
N GLY B 77 0.81 -5.82 -14.18
CA GLY B 77 1.92 -5.21 -13.42
C GLY B 77 3.26 -5.86 -13.77
N LEU B 78 3.31 -7.19 -13.83
CA LEU B 78 4.53 -7.94 -14.20
C LEU B 78 4.92 -7.63 -15.66
N ALA B 79 3.95 -7.55 -16.55
CA ALA B 79 4.21 -7.26 -17.99
C ALA B 79 4.95 -5.93 -18.10
N ALA B 80 4.41 -4.86 -17.50
CA ALA B 80 5.03 -3.52 -17.51
C ALA B 80 6.41 -3.53 -16.83
N SER B 81 6.54 -4.25 -15.70
CA SER B 81 7.80 -4.41 -14.93
C SER B 81 8.87 -5.10 -15.78
N PHE B 82 8.57 -6.24 -16.39
CA PHE B 82 9.50 -6.98 -17.27
C PHE B 82 9.94 -6.07 -18.44
N GLN B 83 9.01 -5.35 -19.07
CA GLN B 83 9.33 -4.42 -20.17
C GLN B 83 10.34 -3.37 -19.69
N ALA B 84 10.07 -2.73 -18.55
CA ALA B 84 10.89 -1.63 -18.00
C ALA B 84 12.31 -2.15 -17.72
N VAL B 85 12.42 -3.31 -17.08
CA VAL B 85 13.73 -3.91 -16.71
C VAL B 85 14.51 -4.23 -18.00
N ARG B 86 13.88 -4.85 -19.00
CA ARG B 86 14.53 -5.12 -20.30
C ARG B 86 14.97 -3.80 -20.91
N ASP B 87 14.06 -2.82 -20.95
CA ASP B 87 14.31 -1.48 -21.55
C ASP B 87 15.52 -0.82 -20.87
N SER B 88 15.78 -1.12 -19.58
CA SER B 88 16.86 -0.47 -18.79
C SER B 88 18.24 -1.02 -19.18
N GLY B 89 18.30 -2.26 -19.65
CA GLY B 89 19.55 -3.01 -19.91
C GLY B 89 20.19 -3.51 -18.62
N LEU B 90 19.55 -3.31 -17.47
CA LEU B 90 20.15 -3.63 -16.15
C LEU B 90 20.41 -5.14 -16.07
N GLU B 91 21.60 -5.53 -15.60
CA GLU B 91 21.96 -6.93 -15.32
C GLU B 91 22.01 -7.12 -13.80
N VAL B 92 21.14 -7.97 -13.29
CA VAL B 92 21.06 -8.35 -11.85
C VAL B 92 22.12 -9.41 -11.59
N THR B 93 23.00 -9.18 -10.63
CA THR B 93 24.07 -10.14 -10.22
C THR B 93 24.03 -10.31 -8.70
N ASP B 94 24.82 -11.24 -8.17
CA ASP B 94 25.03 -11.44 -6.72
C ASP B 94 25.61 -10.15 -6.13
N ALA B 95 26.36 -9.39 -6.92
CA ALA B 95 27.04 -8.16 -6.46
C ALA B 95 26.02 -7.03 -6.20
N ASN B 96 24.86 -7.02 -6.84
CA ASN B 96 23.95 -5.84 -6.77
C ASN B 96 22.50 -6.22 -6.41
N ARG B 97 22.18 -7.51 -6.29
CA ARG B 97 20.76 -7.94 -6.13
C ARG B 97 20.20 -7.36 -4.81
N GLU B 98 21.03 -7.10 -3.79
CA GLU B 98 20.57 -6.48 -2.51
C GLU B 98 20.24 -4.99 -2.70
N ARG B 99 20.62 -4.38 -3.83
CA ARG B 99 20.49 -2.93 -4.04
C ARG B 99 19.35 -2.63 -5.03
N ILE B 100 18.64 -3.66 -5.50
CA ILE B 100 17.52 -3.53 -6.48
C ILE B 100 16.22 -3.95 -5.81
N GLY B 101 15.27 -3.01 -5.71
CA GLY B 101 13.95 -3.22 -5.09
C GLY B 101 12.78 -2.96 -6.03
N VAL B 102 11.57 -3.17 -5.52
CA VAL B 102 10.32 -3.06 -6.31
C VAL B 102 9.25 -2.41 -5.44
N SER B 103 8.56 -1.43 -6.02
CA SER B 103 7.35 -0.81 -5.42
C SER B 103 6.31 -0.66 -6.52
N MET B 104 5.58 -1.73 -6.78
CA MET B 104 4.45 -1.73 -7.75
C MET B 104 3.17 -1.87 -6.94
N GLY B 105 2.23 -0.95 -7.14
CA GLY B 105 0.98 -0.94 -6.39
C GLY B 105 -0.24 -1.04 -7.26
N SER B 106 -1.40 -0.98 -6.62
CA SER B 106 -2.73 -1.01 -7.27
C SER B 106 -3.72 -0.33 -6.34
N GLY B 107 -4.69 0.39 -6.92
CA GLY B 107 -5.78 1.06 -6.20
C GLY B 107 -6.73 0.06 -5.57
N ILE B 108 -7.25 -0.88 -6.36
CA ILE B 108 -8.33 -1.80 -5.89
C ILE B 108 -7.84 -3.26 -5.90
N GLY B 109 -6.90 -3.62 -6.76
CA GLY B 109 -6.33 -4.98 -6.73
C GLY B 109 -7.24 -6.01 -7.37
N GLY B 110 -7.38 -7.20 -6.76
CA GLY B 110 -7.77 -8.44 -7.46
C GLY B 110 -9.28 -8.71 -7.46
N LEU B 111 -10.07 -7.78 -8.00
CA LEU B 111 -11.55 -7.85 -8.00
C LEU B 111 -12.03 -9.08 -8.77
N THR B 112 -11.44 -9.32 -9.94
CA THR B 112 -11.79 -10.44 -10.86
C THR B 112 -11.57 -11.78 -10.14
N ASN B 113 -10.40 -11.97 -9.54
CA ASN B 113 -10.07 -13.18 -8.75
C ASN B 113 -11.08 -13.34 -7.61
N ILE B 114 -11.37 -12.26 -6.90
CA ILE B 114 -12.32 -12.32 -5.74
C ILE B 114 -13.72 -12.70 -6.25
N GLU B 115 -14.15 -12.17 -7.39
CA GLU B 115 -15.45 -12.51 -8.05
C GLU B 115 -15.49 -14.02 -8.36
N ASN B 116 -14.45 -14.53 -9.02
CA ASN B 116 -14.38 -15.96 -9.45
C ASN B 116 -14.42 -16.85 -8.20
N ASN B 117 -13.73 -16.46 -7.13
CA ASN B 117 -13.64 -17.34 -5.93
C ASN B 117 -14.95 -17.26 -5.16
N CYS B 118 -15.64 -16.12 -5.24
CA CYS B 118 -16.98 -15.90 -4.63
C CYS B 118 -18.00 -16.82 -5.30
N ARG B 119 -18.02 -16.88 -6.64
CA ARG B 119 -18.90 -17.82 -7.38
C ARG B 119 -18.78 -19.24 -6.79
N SER B 120 -17.57 -19.78 -6.71
CA SER B 120 -17.29 -21.13 -6.13
C SER B 120 -17.78 -21.20 -4.68
N LEU B 121 -17.49 -20.17 -3.88
CA LEU B 121 -17.83 -20.13 -2.43
C LEU B 121 -19.35 -20.24 -2.27
N PHE B 122 -20.13 -19.49 -3.05
CA PHE B 122 -21.59 -19.35 -2.85
C PHE B 122 -22.31 -20.61 -3.33
N GLU B 123 -21.81 -21.30 -4.35
CA GLU B 123 -22.47 -22.50 -4.95
C GLU B 123 -21.99 -23.78 -4.26
N GLN B 124 -20.71 -23.88 -3.89
CA GLN B 124 -20.10 -25.16 -3.41
C GLN B 124 -19.53 -25.07 -1.99
N GLY B 125 -19.31 -23.88 -1.46
CA GLY B 125 -18.69 -23.69 -0.12
C GLY B 125 -17.18 -23.51 -0.22
N PRO B 126 -16.47 -23.49 0.93
CA PRO B 126 -15.07 -23.09 0.97
C PRO B 126 -14.04 -24.03 0.31
N ARG B 127 -14.38 -25.32 0.16
CA ARG B 127 -13.41 -26.35 -0.29
C ARG B 127 -13.18 -26.23 -1.81
N ARG B 128 -13.91 -25.35 -2.51
CA ARG B 128 -13.64 -25.08 -3.96
C ARG B 128 -12.89 -23.74 -4.15
N ILE B 129 -12.48 -23.07 -3.06
CA ILE B 129 -11.61 -21.86 -3.18
C ILE B 129 -10.20 -22.30 -3.60
N SER B 130 -9.58 -21.62 -4.56
CA SER B 130 -8.20 -21.93 -5.03
C SER B 130 -7.22 -21.86 -3.85
N PRO B 131 -6.27 -22.81 -3.73
CA PRO B 131 -5.19 -22.71 -2.76
C PRO B 131 -4.31 -21.46 -2.96
N PHE B 132 -4.30 -20.90 -4.17
CA PHE B 132 -3.49 -19.73 -4.57
C PHE B 132 -4.32 -18.44 -4.50
N PHE B 133 -5.54 -18.51 -3.95
CA PHE B 133 -6.47 -17.37 -3.97
C PHE B 133 -5.80 -16.16 -3.28
N VAL B 134 -5.34 -16.33 -2.04
CA VAL B 134 -4.76 -15.19 -1.27
C VAL B 134 -3.53 -14.64 -1.98
N PRO B 135 -2.45 -15.42 -2.20
CA PRO B 135 -1.24 -14.88 -2.81
C PRO B 135 -1.43 -14.39 -4.26
N GLY B 136 -2.41 -14.95 -4.98
CA GLY B 136 -2.71 -14.58 -6.38
C GLY B 136 -3.61 -13.35 -6.50
N SER B 137 -4.08 -12.78 -5.39
CA SER B 137 -5.07 -11.68 -5.38
C SER B 137 -4.60 -10.42 -4.63
N ILE B 138 -3.65 -10.56 -3.70
CA ILE B 138 -3.18 -9.42 -2.85
C ILE B 138 -2.24 -8.51 -3.65
N ILE B 139 -2.27 -7.23 -3.32
CA ILE B 139 -1.68 -6.13 -4.12
C ILE B 139 -0.14 -6.22 -4.14
N ASN B 140 0.49 -6.78 -3.11
CA ASN B 140 1.98 -6.75 -3.03
C ASN B 140 2.59 -7.88 -3.86
N MET B 141 1.80 -8.68 -4.56
CA MET B 141 2.31 -9.86 -5.28
C MET B 141 2.92 -9.48 -6.64
N VAL B 142 2.68 -8.27 -7.17
CA VAL B 142 3.49 -7.80 -8.35
C VAL B 142 4.94 -7.62 -7.87
N SER B 143 5.14 -6.83 -6.82
CA SER B 143 6.47 -6.65 -6.17
C SER B 143 7.02 -8.02 -5.78
N GLY B 144 6.18 -8.87 -5.20
CA GLY B 144 6.57 -10.22 -4.73
C GLY B 144 7.13 -11.07 -5.86
N PHE B 145 6.28 -11.35 -6.85
CA PHE B 145 6.58 -12.24 -8.00
C PHE B 145 7.78 -11.66 -8.76
N LEU B 146 7.81 -10.35 -9.02
CA LEU B 146 8.93 -9.78 -9.82
C LEU B 146 10.25 -10.01 -9.06
N SER B 147 10.24 -9.83 -7.73
CA SER B 147 11.46 -9.99 -6.92
C SER B 147 11.94 -11.44 -6.97
N ILE B 148 11.01 -12.41 -6.90
CA ILE B 148 11.31 -13.88 -6.94
C ILE B 148 11.84 -14.23 -8.33
N HIS B 149 11.17 -13.78 -9.38
CA HIS B 149 11.53 -14.10 -10.79
C HIS B 149 12.93 -13.53 -11.13
N LEU B 150 13.24 -12.30 -10.71
CA LEU B 150 14.49 -11.60 -11.11
C LEU B 150 15.57 -11.71 -10.02
N GLY B 151 15.22 -12.14 -8.81
CA GLY B 151 16.17 -12.28 -7.68
C GLY B 151 16.51 -10.92 -7.08
N LEU B 152 15.53 -10.02 -6.97
CA LEU B 152 15.64 -8.68 -6.36
C LEU B 152 15.47 -8.79 -4.84
N GLN B 153 16.46 -8.35 -4.08
CA GLN B 153 16.52 -8.53 -2.59
C GLN B 153 16.54 -7.16 -1.91
N GLY B 154 16.37 -6.08 -2.68
CA GLY B 154 16.24 -4.73 -2.14
C GLY B 154 14.86 -4.50 -1.53
N PRO B 155 14.53 -3.26 -1.13
CA PRO B 155 13.23 -2.95 -0.55
C PRO B 155 12.08 -3.48 -1.41
N ASN B 156 11.18 -4.22 -0.78
CA ASN B 156 10.08 -4.93 -1.48
C ASN B 156 8.76 -4.52 -0.86
N TYR B 157 7.99 -3.66 -1.53
CA TYR B 157 6.71 -3.20 -0.93
C TYR B 157 5.73 -2.74 -2.01
N ALA B 158 4.52 -2.39 -1.58
CA ALA B 158 3.41 -1.96 -2.43
C ALA B 158 2.64 -0.82 -1.74
N LEU B 159 2.39 0.25 -2.49
CA LEU B 159 1.50 1.38 -2.15
C LEU B 159 0.08 1.01 -2.61
N THR B 160 -0.91 1.47 -1.87
CA THR B 160 -2.34 1.43 -2.29
C THR B 160 -2.95 2.73 -1.81
N THR B 161 -2.93 3.74 -2.68
CA THR B 161 -3.50 5.10 -2.45
C THR B 161 -4.47 5.39 -3.58
N ALA B 162 -5.36 4.43 -3.87
CA ALA B 162 -6.48 4.63 -4.82
C ALA B 162 -5.91 5.17 -6.13
N GLN B 163 -6.47 6.24 -6.68
CA GLN B 163 -6.09 6.75 -8.03
C GLN B 163 -4.74 7.50 -7.99
N THR B 164 -4.04 7.53 -6.85
CA THR B 164 -2.74 8.22 -6.69
C THR B 164 -1.61 7.18 -6.64
N THR B 165 -1.95 5.89 -6.67
CA THR B 165 -1.04 4.79 -6.29
C THR B 165 0.25 4.87 -7.11
N GLY B 166 0.13 5.04 -8.43
CA GLY B 166 1.26 4.99 -9.37
C GLY B 166 2.20 6.14 -9.10
N THR B 167 1.65 7.32 -8.81
CA THR B 167 2.44 8.54 -8.50
C THR B 167 3.19 8.30 -7.20
N HIS B 168 2.52 7.83 -6.16
CA HIS B 168 3.13 7.59 -4.83
C HIS B 168 4.21 6.51 -4.93
N SER B 169 3.95 5.44 -5.68
CA SER B 169 4.88 4.30 -5.84
C SER B 169 6.21 4.80 -6.39
N ILE B 170 6.14 5.58 -7.46
CA ILE B 170 7.30 6.16 -8.17
C ILE B 170 8.01 7.14 -7.22
N GLY B 171 7.27 8.03 -6.56
CA GLY B 171 7.80 9.05 -5.65
C GLY B 171 8.57 8.43 -4.48
N MET B 172 7.99 7.43 -3.83
CA MET B 172 8.60 6.83 -2.62
C MET B 172 9.76 5.91 -3.00
N ALA B 173 9.72 5.27 -4.18
CA ALA B 173 10.86 4.50 -4.74
C ALA B 173 12.05 5.44 -4.98
N ALA B 174 11.80 6.62 -5.55
CA ALA B 174 12.84 7.66 -5.79
C ALA B 174 13.48 8.05 -4.46
N ARG B 175 12.68 8.19 -3.40
CA ARG B 175 13.17 8.55 -2.04
C ARG B 175 14.10 7.43 -1.55
N ASN B 176 13.72 6.16 -1.73
CA ASN B 176 14.55 4.99 -1.36
C ASN B 176 15.94 5.14 -1.97
N ILE B 177 16.00 5.52 -3.25
CA ILE B 177 17.28 5.66 -4.00
C ILE B 177 18.02 6.91 -3.51
N ALA B 178 17.32 8.03 -3.36
CA ALA B 178 17.93 9.35 -3.02
C ALA B 178 18.61 9.28 -1.64
N TYR B 179 18.04 8.53 -0.71
CA TYR B 179 18.51 8.41 0.69
C TYR B 179 19.33 7.14 0.90
N GLY B 180 19.62 6.39 -0.18
CA GLY B 180 20.64 5.33 -0.19
C GLY B 180 20.15 3.96 0.30
N GLU B 181 18.84 3.76 0.43
CA GLU B 181 18.24 2.45 0.79
C GLU B 181 18.32 1.49 -0.42
N ALA B 182 18.49 2.01 -1.64
CA ALA B 182 18.55 1.24 -2.90
C ALA B 182 19.30 2.01 -3.98
N ASP B 183 19.88 1.33 -4.96
CA ASP B 183 20.50 1.94 -6.16
C ASP B 183 19.50 1.90 -7.31
N VAL B 184 18.62 0.91 -7.33
CA VAL B 184 17.64 0.71 -8.43
C VAL B 184 16.28 0.34 -7.82
N MET B 185 15.20 0.87 -8.40
CA MET B 185 13.84 0.47 -8.01
C MET B 185 12.99 0.37 -9.28
N VAL B 186 12.19 -0.69 -9.36
CA VAL B 186 11.06 -0.82 -10.32
C VAL B 186 9.81 -0.31 -9.63
N ALA B 187 9.18 0.71 -10.20
CA ALA B 187 8.06 1.41 -9.52
C ALA B 187 6.96 1.75 -10.52
N GLY B 188 5.72 1.78 -10.03
CA GLY B 188 4.54 2.08 -10.85
C GLY B 188 3.30 1.44 -10.28
N GLY B 189 2.34 1.15 -11.15
CA GLY B 189 1.08 0.54 -10.72
C GLY B 189 0.40 -0.22 -11.84
N SER B 190 -0.57 -1.04 -11.45
CA SER B 190 -1.43 -1.82 -12.36
C SER B 190 -2.84 -1.85 -11.81
N GLU B 191 -3.80 -2.01 -12.71
CA GLU B 191 -5.23 -2.04 -12.37
C GLU B 191 -5.97 -2.84 -13.44
N MET B 192 -6.84 -3.72 -12.97
CA MET B 192 -7.89 -4.37 -13.79
CA MET B 192 -7.90 -4.35 -13.80
C MET B 192 -9.17 -4.41 -12.95
N ALA B 193 -9.95 -3.35 -13.01
CA ALA B 193 -11.20 -3.22 -12.23
C ALA B 193 -12.42 -3.35 -13.17
N ALA B 194 -12.22 -3.73 -14.42
CA ALA B 194 -13.32 -3.87 -15.42
C ALA B 194 -13.99 -5.23 -15.22
N CYS B 195 -14.81 -5.34 -14.18
CA CYS B 195 -15.65 -6.52 -13.86
C CYS B 195 -16.97 -5.98 -13.30
N GLY B 196 -17.92 -6.86 -13.00
CA GLY B 196 -19.23 -6.47 -12.42
C GLY B 196 -19.06 -5.54 -11.24
N LEU B 197 -18.22 -5.89 -10.27
CA LEU B 197 -18.00 -5.10 -9.02
C LEU B 197 -17.49 -3.71 -9.38
N GLY B 198 -16.57 -3.63 -10.33
CA GLY B 198 -15.90 -2.36 -10.71
C GLY B 198 -16.86 -1.42 -11.38
N LEU B 199 -17.45 -1.85 -12.50
CA LEU B 199 -18.39 -1.04 -13.31
C LEU B 199 -19.69 -0.82 -12.52
N GLY B 200 -20.09 -1.80 -11.71
CA GLY B 200 -21.26 -1.71 -10.82
C GLY B 200 -21.02 -0.77 -9.66
N GLY B 201 -19.84 -0.86 -9.04
CA GLY B 201 -19.43 -0.04 -7.87
C GLY B 201 -19.30 1.43 -8.23
N PHE B 202 -18.61 1.71 -9.32
CA PHE B 202 -18.44 3.09 -9.86
C PHE B 202 -19.76 3.55 -10.47
N GLY B 203 -20.54 2.63 -11.04
CA GLY B 203 -21.90 2.88 -11.54
C GLY B 203 -22.83 3.31 -10.43
N ALA B 204 -22.81 2.59 -9.29
CA ALA B 204 -23.67 2.84 -8.12
C ALA B 204 -23.43 4.25 -7.59
N ALA B 205 -22.17 4.70 -7.60
CA ALA B 205 -21.74 6.04 -7.13
C ALA B 205 -21.95 7.11 -8.22
N ARG B 206 -22.48 6.74 -9.39
CA ARG B 206 -22.76 7.68 -10.52
C ARG B 206 -21.48 8.42 -10.94
N ALA B 207 -20.31 7.78 -10.86
CA ALA B 207 -19.01 8.44 -11.13
C ALA B 207 -18.66 8.36 -12.62
N LEU B 208 -19.26 7.43 -13.36
CA LEU B 208 -18.84 7.05 -14.73
C LEU B 208 -19.62 7.87 -15.76
N SER B 209 -18.96 8.21 -16.86
CA SER B 209 -19.66 8.70 -18.09
C SER B 209 -20.61 7.61 -18.56
N THR B 210 -21.81 8.01 -18.99
CA THR B 210 -22.83 7.12 -19.60
C THR B 210 -23.03 7.52 -21.07
N ARG B 211 -22.01 8.07 -21.73
CA ARG B 211 -22.07 8.40 -23.19
C ARG B 211 -21.83 7.14 -24.02
N ASN B 212 -22.72 6.16 -23.93
CA ASN B 212 -22.60 4.82 -24.57
C ASN B 212 -22.66 4.93 -26.09
N ASP B 213 -23.33 5.96 -26.61
CA ASP B 213 -23.55 6.13 -28.07
C ASP B 213 -22.27 6.64 -28.75
N GLU B 214 -21.36 7.28 -28.00
CA GLU B 214 -20.07 7.81 -28.53
C GLU B 214 -18.95 7.57 -27.52
N PRO B 215 -18.52 6.30 -27.29
CA PRO B 215 -17.51 6.01 -26.26
C PRO B 215 -16.21 6.82 -26.38
N THR B 216 -15.75 7.14 -27.60
CA THR B 216 -14.44 7.81 -27.83
C THR B 216 -14.57 9.30 -27.45
N ARG B 217 -15.79 9.81 -27.29
CA ARG B 217 -16.06 11.21 -26.90
C ARG B 217 -16.41 11.31 -25.40
N ALA B 218 -16.51 10.18 -24.70
CA ALA B 218 -16.94 10.15 -23.27
C ALA B 218 -15.97 10.98 -22.42
N SER B 219 -14.66 10.68 -22.50
CA SER B 219 -13.63 11.31 -21.65
C SER B 219 -13.32 12.67 -22.25
N ARG B 220 -13.78 13.75 -21.62
CA ARG B 220 -13.64 15.11 -22.20
C ARG B 220 -13.28 16.08 -21.09
N PRO B 221 -12.05 15.97 -20.52
CA PRO B 221 -11.64 16.79 -19.39
C PRO B 221 -11.80 18.27 -19.71
N TRP B 222 -12.35 19.02 -18.75
CA TRP B 222 -12.57 20.50 -18.78
C TRP B 222 -13.63 20.90 -19.82
N ASP B 223 -14.20 19.97 -20.57
CA ASP B 223 -15.27 20.29 -21.55
C ASP B 223 -16.57 20.50 -20.76
N ARG B 224 -17.46 21.36 -21.24
CA ARG B 224 -18.73 21.70 -20.53
C ARG B 224 -19.70 20.52 -20.51
N ASP B 225 -19.58 19.54 -21.43
CA ASP B 225 -20.50 18.39 -21.56
C ASP B 225 -19.96 17.12 -20.86
N ARG B 226 -18.89 17.24 -20.07
CA ARG B 226 -18.29 16.09 -19.35
C ARG B 226 -19.32 15.61 -18.31
N ASP B 227 -19.37 14.29 -18.06
CA ASP B 227 -20.40 13.63 -17.22
C ASP B 227 -19.78 12.45 -16.44
N GLY B 228 -18.50 12.55 -16.05
CA GLY B 228 -17.82 11.53 -15.23
C GLY B 228 -16.71 10.83 -15.99
N PHE B 229 -15.95 10.00 -15.29
CA PHE B 229 -14.68 9.45 -15.79
C PHE B 229 -14.97 8.17 -16.57
N VAL B 230 -14.00 7.75 -17.37
CA VAL B 230 -14.06 6.47 -18.14
C VAL B 230 -13.09 5.49 -17.48
N LEU B 231 -13.57 4.29 -17.20
CA LEU B 231 -12.82 3.26 -16.45
C LEU B 231 -11.90 2.51 -17.41
N SER B 232 -10.61 2.45 -17.11
CA SER B 232 -9.60 1.80 -17.99
C SER B 232 -8.70 0.87 -17.18
N ASP B 233 -8.06 -0.06 -17.87
CA ASP B 233 -7.19 -1.11 -17.31
C ASP B 233 -5.77 -0.85 -17.82
N GLY B 234 -4.78 -1.26 -17.06
CA GLY B 234 -3.40 -1.30 -17.58
C GLY B 234 -2.36 -1.26 -16.50
N SER B 235 -1.16 -0.86 -16.89
CA SER B 235 0.06 -0.90 -16.03
C SER B 235 1.10 0.06 -16.59
N GLY B 236 1.90 0.61 -15.69
CA GLY B 236 3.12 1.37 -16.02
C GLY B 236 4.17 1.04 -15.01
N ALA B 237 5.40 0.88 -15.47
CA ALA B 237 6.55 0.66 -14.58
C ALA B 237 7.70 1.48 -15.13
N LEU B 238 8.46 2.09 -14.21
CA LEU B 238 9.73 2.80 -14.52
C LEU B 238 10.81 2.07 -13.75
N VAL B 239 11.98 1.93 -14.36
CA VAL B 239 13.26 1.65 -13.63
C VAL B 239 13.85 3.01 -13.23
N LEU B 240 13.88 3.24 -11.92
CA LEU B 240 14.52 4.41 -11.29
C LEU B 240 15.91 3.96 -10.87
N GLU B 241 16.89 4.84 -11.02
CA GLU B 241 18.32 4.48 -10.83
C GLU B 241 19.09 5.69 -10.33
N GLU B 242 19.93 5.47 -9.32
CA GLU B 242 20.92 6.48 -8.87
C GLU B 242 21.80 6.86 -10.06
N LEU B 243 22.08 8.15 -10.22
CA LEU B 243 22.72 8.71 -11.44
C LEU B 243 24.12 8.09 -11.67
N GLU B 244 24.94 7.95 -10.63
CA GLU B 244 26.33 7.44 -10.80
C GLU B 244 26.28 5.97 -11.17
N HIS B 245 25.33 5.22 -10.60
CA HIS B 245 25.08 3.79 -10.96
C HIS B 245 24.74 3.72 -12.46
N ALA B 246 23.87 4.62 -12.92
CA ALA B 246 23.42 4.67 -14.33
C ALA B 246 24.63 4.95 -15.22
N ARG B 247 25.36 6.02 -14.92
CA ARG B 247 26.53 6.49 -15.72
C ARG B 247 27.63 5.42 -15.77
N ALA B 248 27.80 4.65 -14.68
CA ALA B 248 28.86 3.63 -14.50
C ALA B 248 28.66 2.44 -15.43
N ARG B 249 27.41 2.10 -15.77
CA ARG B 249 27.11 0.96 -16.69
C ARG B 249 26.75 1.47 -18.09
N GLY B 250 26.87 2.77 -18.36
CA GLY B 250 26.55 3.38 -19.67
C GLY B 250 25.08 3.26 -20.01
N ALA B 251 24.18 3.44 -19.03
CA ALA B 251 22.71 3.33 -19.19
C ALA B 251 22.19 4.48 -20.06
N ARG B 252 21.18 4.23 -20.88
CA ARG B 252 20.39 5.28 -21.56
C ARG B 252 19.46 5.93 -20.52
N ILE B 253 19.59 7.24 -20.31
CA ILE B 253 18.83 8.02 -19.31
C ILE B 253 17.74 8.79 -20.04
N TYR B 254 16.47 8.54 -19.71
CA TYR B 254 15.33 9.25 -20.35
C TYR B 254 15.21 10.67 -19.80
N ALA B 255 15.39 10.82 -18.48
CA ALA B 255 15.05 12.07 -17.77
C ALA B 255 15.41 11.94 -16.30
N GLU B 256 15.41 13.06 -15.58
CA GLU B 256 15.75 13.09 -14.13
C GLU B 256 14.47 13.35 -13.34
N LEU B 257 14.30 12.59 -12.26
CA LEU B 257 13.20 12.74 -11.27
C LEU B 257 13.75 13.64 -10.16
N VAL B 258 13.31 14.89 -10.12
CA VAL B 258 13.92 15.96 -9.27
C VAL B 258 13.01 16.26 -8.07
N GLY B 259 11.71 15.94 -8.15
CA GLY B 259 10.75 16.36 -7.11
C GLY B 259 9.61 15.38 -6.94
N PHE B 260 9.18 15.25 -5.69
CA PHE B 260 8.00 14.46 -5.29
C PHE B 260 7.27 15.21 -4.18
N GLY B 261 5.96 15.40 -4.38
CA GLY B 261 5.05 16.04 -3.41
C GLY B 261 3.89 15.15 -3.05
N MET B 262 3.52 15.19 -1.78
CA MET B 262 2.34 14.52 -1.19
C MET B 262 1.59 15.55 -0.36
N SER B 263 0.28 15.37 -0.23
CA SER B 263 -0.57 16.14 0.70
C SER B 263 -1.90 15.39 0.87
N GLY B 264 -2.63 15.73 1.92
CA GLY B 264 -4.05 15.36 2.07
C GLY B 264 -4.91 16.60 1.99
N ASP B 265 -6.02 16.49 1.27
CA ASP B 265 -7.13 17.48 1.27
C ASP B 265 -7.71 17.57 2.68
N ALA B 266 -7.95 16.42 3.33
CA ALA B 266 -8.66 16.33 4.61
C ALA B 266 -10.06 16.92 4.45
N PHE B 267 -10.73 16.62 3.33
CA PHE B 267 -11.98 17.29 2.91
C PHE B 267 -13.16 16.32 2.86
N HIS B 268 -13.14 15.35 1.94
CA HIS B 268 -14.28 14.45 1.63
C HIS B 268 -13.71 13.13 1.10
N MET B 269 -14.47 12.03 1.25
CA MET B 269 -14.04 10.66 0.87
C MET B 269 -13.80 10.57 -0.65
N THR B 270 -14.60 11.26 -1.47
CA THR B 270 -14.58 11.11 -2.96
C THR B 270 -14.53 12.47 -3.68
N ALA B 271 -15.11 13.53 -3.12
CA ALA B 271 -15.20 14.85 -3.76
C ALA B 271 -13.94 15.65 -3.44
N PRO B 272 -13.37 16.40 -4.40
CA PRO B 272 -12.27 17.33 -4.12
C PRO B 272 -12.81 18.66 -3.61
N PRO B 273 -12.04 19.47 -2.85
CA PRO B 273 -12.46 20.82 -2.51
C PRO B 273 -12.48 21.66 -3.81
N GLU B 274 -13.46 22.57 -3.92
CA GLU B 274 -13.75 23.34 -5.16
C GLU B 274 -12.50 24.13 -5.61
N ASP B 275 -11.71 24.65 -4.66
CA ASP B 275 -10.53 25.52 -4.92
C ASP B 275 -9.24 24.70 -5.13
N GLY B 276 -9.28 23.37 -5.03
CA GLY B 276 -8.10 22.50 -5.16
C GLY B 276 -7.00 22.84 -4.17
N ALA B 277 -7.36 23.24 -2.94
CA ALA B 277 -6.42 23.62 -1.88
C ALA B 277 -5.35 22.52 -1.73
N GLY B 278 -5.77 21.26 -1.68
CA GLY B 278 -4.87 20.12 -1.40
C GLY B 278 -3.89 19.89 -2.53
N ALA B 279 -4.37 19.92 -3.78
CA ALA B 279 -3.54 19.75 -4.98
C ALA B 279 -2.49 20.87 -5.02
N ALA B 280 -2.87 22.10 -4.63
CA ALA B 280 -1.99 23.31 -4.63
C ALA B 280 -0.84 23.11 -3.64
N ARG B 281 -1.15 22.62 -2.43
CA ARG B 281 -0.13 22.31 -1.41
C ARG B 281 0.82 21.25 -1.97
N CYS B 282 0.27 20.22 -2.61
CA CYS B 282 1.00 19.06 -3.14
C CYS B 282 2.01 19.49 -4.21
N MET B 283 1.55 20.23 -5.23
CA MET B 283 2.43 20.77 -6.29
C MET B 283 3.53 21.67 -5.70
N LYS B 284 3.19 22.55 -4.74
CA LYS B 284 4.19 23.45 -4.08
C LYS B 284 5.22 22.62 -3.32
N ASN B 285 4.79 21.58 -2.60
CA ASN B 285 5.71 20.65 -1.89
C ASN B 285 6.66 20.02 -2.90
N ALA B 286 6.15 19.61 -4.07
CA ALA B 286 6.95 18.94 -5.11
C ALA B 286 7.97 19.93 -5.67
N LEU B 287 7.56 21.17 -5.92
CA LEU B 287 8.48 22.20 -6.51
C LEU B 287 9.57 22.53 -5.49
N ARG B 288 9.21 22.73 -4.22
CA ARG B 288 10.18 23.01 -3.13
C ARG B 288 11.17 21.84 -3.02
N ASP B 289 10.66 20.60 -3.09
CA ASP B 289 11.47 19.35 -3.07
C ASP B 289 12.50 19.37 -4.21
N ALA B 290 12.09 19.85 -5.39
CA ALA B 290 12.94 19.97 -6.60
C ALA B 290 13.85 21.20 -6.49
N GLY B 291 13.56 22.12 -5.57
CA GLY B 291 14.25 23.43 -5.47
C GLY B 291 14.02 24.26 -6.72
N LEU B 292 12.82 24.21 -7.29
CA LEU B 292 12.45 24.96 -8.51
C LEU B 292 11.49 26.11 -8.16
N ASP B 293 11.62 27.19 -8.92
CA ASP B 293 10.63 28.28 -9.07
C ASP B 293 9.48 27.71 -9.90
N PRO B 294 8.21 27.99 -9.53
CA PRO B 294 7.06 27.60 -10.35
C PRO B 294 7.21 28.01 -11.83
N ARG B 295 7.89 29.12 -12.10
CA ARG B 295 8.13 29.67 -13.47
C ARG B 295 8.98 28.70 -14.30
N GLN B 296 9.62 27.70 -13.69
CA GLN B 296 10.47 26.73 -14.44
C GLN B 296 9.59 25.62 -15.06
N VAL B 297 8.32 25.48 -14.64
CA VAL B 297 7.42 24.39 -15.15
C VAL B 297 6.89 24.74 -16.56
N ASP B 298 7.07 23.83 -17.52
CA ASP B 298 6.72 24.02 -18.96
C ASP B 298 5.49 23.20 -19.32
N TYR B 299 5.33 22.02 -18.72
CA TYR B 299 4.24 21.07 -19.04
C TYR B 299 3.71 20.42 -17.76
N ILE B 300 2.39 20.38 -17.63
CA ILE B 300 1.68 19.60 -16.55
C ILE B 300 0.85 18.53 -17.22
N ASN B 301 1.11 17.26 -16.89
CA ASN B 301 0.17 16.16 -17.16
C ASN B 301 -0.80 16.12 -15.97
N ALA B 302 -2.02 16.58 -16.19
CA ALA B 302 -3.05 16.80 -15.16
C ALA B 302 -3.65 15.45 -14.76
N HIS B 303 -4.25 15.39 -13.58
CA HIS B 303 -5.13 14.26 -13.19
C HIS B 303 -6.28 14.18 -14.20
N GLY B 304 -6.98 15.31 -14.40
CA GLY B 304 -7.95 15.58 -15.48
C GLY B 304 -8.83 14.38 -15.83
N THR B 305 -9.71 13.98 -14.92
CA THR B 305 -10.42 12.67 -15.00
C THR B 305 -11.71 12.77 -15.84
N SER B 306 -12.19 13.98 -16.15
CA SER B 306 -13.48 14.27 -16.86
C SER B 306 -14.68 14.27 -15.90
N THR B 307 -14.43 14.54 -14.62
CA THR B 307 -15.45 14.75 -13.57
C THR B 307 -15.78 16.24 -13.44
N PRO B 308 -17.05 16.63 -13.21
CA PRO B 308 -17.37 18.07 -13.09
C PRO B 308 -16.52 18.82 -12.04
N ALA B 309 -16.44 18.31 -10.82
CA ALA B 309 -15.77 18.97 -9.67
C ALA B 309 -14.24 18.85 -9.79
N GLY B 310 -13.72 17.68 -10.13
CA GLY B 310 -12.27 17.41 -10.16
C GLY B 310 -11.57 18.34 -11.13
N ASP B 311 -12.10 18.45 -12.35
CA ASP B 311 -11.46 19.17 -13.48
C ASP B 311 -11.29 20.64 -13.10
N ILE B 312 -12.32 21.28 -12.55
CA ILE B 312 -12.28 22.73 -12.17
C ILE B 312 -11.35 22.93 -10.96
N ALA B 313 -11.37 22.03 -9.97
CA ALA B 313 -10.48 22.08 -8.79
C ALA B 313 -9.00 22.11 -9.24
N GLU B 314 -8.64 21.31 -10.24
CA GLU B 314 -7.26 21.24 -10.76
C GLU B 314 -6.87 22.55 -11.47
N ILE B 315 -7.78 23.15 -12.23
CA ILE B 315 -7.54 24.51 -12.82
C ILE B 315 -7.24 25.49 -11.68
N ALA B 316 -8.09 25.53 -10.65
CA ALA B 316 -7.94 26.45 -9.50
C ALA B 316 -6.57 26.26 -8.84
N ALA B 317 -6.16 25.01 -8.61
CA ALA B 317 -4.88 24.67 -7.94
C ALA B 317 -3.72 25.16 -8.81
N VAL B 318 -3.80 25.00 -10.12
CA VAL B 318 -2.69 25.43 -11.02
C VAL B 318 -2.58 26.96 -10.97
N LYS B 319 -3.70 27.68 -11.04
CA LYS B 319 -3.72 29.18 -10.97
C LYS B 319 -3.16 29.63 -9.63
N SER B 320 -3.49 28.93 -8.54
CA SER B 320 -2.99 29.26 -7.18
C SER B 320 -1.47 29.12 -7.14
N VAL B 321 -0.94 27.98 -7.60
CA VAL B 321 0.51 27.64 -7.47
C VAL B 321 1.34 28.52 -8.42
N PHE B 322 0.86 28.75 -9.65
CA PHE B 322 1.71 29.28 -10.74
C PHE B 322 1.40 30.76 -11.04
N GLY B 323 0.31 31.32 -10.52
CA GLY B 323 -0.05 32.73 -10.75
C GLY B 323 -0.09 33.00 -12.25
N GLU B 324 0.55 34.07 -12.71
CA GLU B 324 0.53 34.48 -14.14
C GLU B 324 1.23 33.42 -14.99
N HIS B 325 2.20 32.69 -14.46
CA HIS B 325 2.92 31.61 -15.20
C HIS B 325 1.94 30.50 -15.63
N ALA B 326 0.77 30.41 -14.99
CA ALA B 326 -0.32 29.48 -15.37
C ALA B 326 -0.69 29.68 -16.85
N HIS B 327 -0.48 30.89 -17.38
CA HIS B 327 -0.80 31.24 -18.80
C HIS B 327 0.36 30.94 -19.74
N ALA B 328 1.57 30.63 -19.23
CA ALA B 328 2.76 30.34 -20.05
C ALA B 328 2.94 28.82 -20.20
N LEU B 329 2.63 28.04 -19.16
CA LEU B 329 2.79 26.57 -19.20
C LEU B 329 1.67 25.94 -20.03
N SER B 330 1.89 24.71 -20.52
CA SER B 330 0.89 23.85 -21.17
C SER B 330 0.45 22.76 -20.19
N MET B 331 -0.85 22.50 -20.10
CA MET B 331 -1.41 21.43 -19.25
C MET B 331 -2.34 20.58 -20.10
N SER B 332 -2.18 19.25 -20.11
CA SER B 332 -3.10 18.36 -20.84
C SER B 332 -3.46 17.17 -19.96
N SER B 333 -4.61 16.57 -20.24
CA SER B 333 -5.04 15.29 -19.67
C SER B 333 -5.01 14.22 -20.75
N THR B 334 -4.10 13.26 -20.61
CA THR B 334 -4.01 12.09 -21.52
C THR B 334 -5.15 11.12 -21.23
N LYS B 335 -5.87 11.31 -20.11
CA LYS B 335 -7.11 10.55 -19.81
C LYS B 335 -8.17 10.82 -20.87
N SER B 336 -8.11 11.95 -21.58
CA SER B 336 -9.01 12.21 -22.74
C SER B 336 -8.93 11.02 -23.72
N MET B 337 -7.77 10.35 -23.80
CA MET B 337 -7.48 9.25 -24.78
C MET B 337 -7.45 7.87 -24.10
N THR B 338 -6.78 7.73 -22.94
CA THR B 338 -6.61 6.43 -22.25
C THR B 338 -7.80 6.11 -21.33
N GLY B 339 -8.59 7.11 -20.96
CA GLY B 339 -9.44 7.02 -19.76
C GLY B 339 -8.60 6.91 -18.49
N HIS B 340 -9.24 6.53 -17.40
CA HIS B 340 -8.73 6.60 -16.01
C HIS B 340 -8.25 5.21 -15.60
N LEU B 341 -6.94 5.02 -15.52
CA LEU B 341 -6.36 3.69 -15.19
C LEU B 341 -6.26 3.51 -13.67
N LEU B 342 -6.99 4.34 -12.93
CA LEU B 342 -7.05 4.31 -11.44
C LEU B 342 -5.61 4.25 -10.89
N GLY B 343 -5.25 3.17 -10.18
CA GLY B 343 -3.94 3.02 -9.52
C GLY B 343 -2.79 3.00 -10.51
N ALA B 344 -3.04 2.66 -11.78
CA ALA B 344 -2.00 2.64 -12.83
C ALA B 344 -1.90 4.00 -13.53
N ALA B 345 -2.85 4.92 -13.32
CA ALA B 345 -2.94 6.21 -14.03
C ALA B 345 -1.66 7.04 -13.85
N GLY B 346 -1.19 7.22 -12.60
CA GLY B 346 0.03 7.99 -12.28
C GLY B 346 1.29 7.36 -12.87
N ALA B 347 1.31 6.03 -13.04
CA ALA B 347 2.44 5.31 -13.66
C ALA B 347 2.52 5.64 -15.16
N VAL B 348 1.45 5.38 -15.91
CA VAL B 348 1.43 5.61 -17.39
C VAL B 348 1.61 7.10 -17.65
N GLU B 349 1.06 7.98 -16.80
CA GLU B 349 1.15 9.46 -16.98
C GLU B 349 2.54 9.97 -16.59
N ALA B 350 3.23 9.36 -15.62
CA ALA B 350 4.68 9.60 -15.39
C ALA B 350 5.45 9.32 -16.69
N ILE B 351 5.15 8.18 -17.33
CA ILE B 351 5.84 7.76 -18.59
C ILE B 351 5.53 8.78 -19.70
N PHE B 352 4.28 9.23 -19.83
CA PHE B 352 3.92 10.23 -20.87
C PHE B 352 4.64 11.55 -20.62
N SER B 353 4.88 11.91 -19.35
CA SER B 353 5.58 13.16 -18.94
C SER B 353 7.06 13.06 -19.33
N VAL B 354 7.67 11.90 -19.10
CA VAL B 354 9.08 11.60 -19.50
C VAL B 354 9.23 11.72 -21.02
N LEU B 355 8.27 11.20 -21.78
CA LEU B 355 8.35 11.19 -23.28
C LEU B 355 8.03 12.59 -23.83
N ALA B 356 7.22 13.38 -23.13
CA ALA B 356 6.97 14.80 -23.48
C ALA B 356 8.30 15.55 -23.39
N LEU B 357 9.14 15.23 -22.40
CA LEU B 357 10.53 15.76 -22.27
C LEU B 357 11.39 15.24 -23.42
N ARG B 358 11.37 13.93 -23.70
CA ARG B 358 12.25 13.32 -24.75
C ARG B 358 11.92 13.96 -26.10
N ASP B 359 10.63 14.11 -26.43
CA ASP B 359 10.16 14.47 -27.79
C ASP B 359 9.83 15.96 -27.87
N GLN B 360 9.90 16.69 -26.76
CA GLN B 360 9.63 18.15 -26.70
C GLN B 360 8.26 18.42 -27.31
N VAL B 361 7.24 17.74 -26.78
CA VAL B 361 5.85 17.83 -27.30
C VAL B 361 4.87 17.64 -26.14
N ALA B 362 3.88 18.52 -26.05
CA ALA B 362 2.74 18.42 -25.12
C ALA B 362 1.68 17.55 -25.78
N PRO B 363 1.33 16.40 -25.16
CA PRO B 363 0.21 15.58 -25.59
C PRO B 363 -1.09 16.36 -25.57
N PRO B 364 -2.06 16.04 -26.46
CA PRO B 364 -3.30 16.79 -26.53
C PRO B 364 -4.27 16.39 -25.41
N THR B 365 -5.18 17.29 -25.06
CA THR B 365 -6.49 16.94 -24.46
C THR B 365 -7.51 16.83 -25.59
N ILE B 366 -7.89 15.62 -26.03
CA ILE B 366 -8.88 15.45 -27.13
C ILE B 366 -10.26 15.71 -26.55
N ASN B 367 -11.26 15.97 -27.41
CA ASN B 367 -12.69 16.10 -27.05
C ASN B 367 -12.96 17.42 -26.31
N LEU B 368 -11.97 18.28 -26.13
CA LEU B 368 -12.12 19.60 -25.47
C LEU B 368 -12.74 20.59 -26.48
N ASP B 369 -14.02 20.40 -26.80
CA ASP B 369 -14.73 21.13 -27.90
C ASP B 369 -15.17 22.49 -27.37
N ASN B 370 -15.65 22.55 -26.13
CA ASN B 370 -16.21 23.76 -25.50
C ASN B 370 -15.70 23.82 -24.06
N PRO B 371 -14.52 24.45 -23.82
CA PRO B 371 -13.97 24.56 -22.46
C PRO B 371 -14.99 25.20 -21.52
N ASP B 372 -15.09 24.67 -20.30
CA ASP B 372 -16.08 25.09 -19.28
C ASP B 372 -15.64 26.45 -18.71
N GLU B 373 -16.53 27.11 -17.95
CA GLU B 373 -16.28 28.41 -17.28
C GLU B 373 -14.95 28.32 -16.50
N GLY B 374 -14.02 29.24 -16.76
CA GLY B 374 -12.78 29.39 -16.00
C GLY B 374 -11.68 28.42 -16.46
N CYS B 375 -11.97 27.53 -17.42
CA CYS B 375 -10.98 26.56 -17.98
C CYS B 375 -10.28 27.22 -19.18
N ASP B 376 -9.54 28.30 -18.93
CA ASP B 376 -9.03 29.25 -19.96
C ASP B 376 -7.49 29.20 -20.05
N LEU B 377 -6.85 28.15 -19.51
CA LEU B 377 -5.38 27.92 -19.64
C LEU B 377 -5.08 27.24 -20.99
N ASP B 378 -3.81 27.08 -21.34
CA ASP B 378 -3.39 26.27 -22.51
C ASP B 378 -3.55 24.80 -22.13
N LEU B 379 -4.68 24.21 -22.53
CA LEU B 379 -5.03 22.80 -22.24
C LEU B 379 -4.75 21.91 -23.46
N VAL B 380 -4.06 22.46 -24.46
CA VAL B 380 -3.56 21.68 -25.63
C VAL B 380 -4.74 20.92 -26.25
N ALA B 381 -5.88 21.59 -26.42
CA ALA B 381 -7.09 21.03 -27.06
C ALA B 381 -6.74 20.37 -28.41
N HIS B 382 -7.25 19.14 -28.63
CA HIS B 382 -7.42 18.48 -29.95
C HIS B 382 -6.11 17.87 -30.48
N GLU B 383 -5.00 18.62 -30.51
CA GLU B 383 -3.78 18.23 -31.26
C GLU B 383 -2.54 18.44 -30.40
N ALA B 384 -1.58 17.52 -30.51
CA ALA B 384 -0.26 17.59 -29.85
C ALA B 384 0.39 18.92 -30.23
N LYS B 385 1.16 19.50 -29.32
CA LYS B 385 1.79 20.82 -29.51
C LYS B 385 3.29 20.68 -29.25
N PRO B 386 4.13 20.72 -30.31
CA PRO B 386 5.57 20.83 -30.12
C PRO B 386 5.86 22.14 -29.37
N ARG B 387 6.67 22.08 -28.31
CA ARG B 387 7.09 23.28 -27.55
C ARG B 387 8.35 22.92 -26.76
N LYS B 388 9.02 23.92 -26.19
CA LYS B 388 10.15 23.73 -25.26
C LYS B 388 9.57 23.18 -23.94
N ILE B 389 10.12 22.08 -23.45
CA ILE B 389 9.74 21.47 -22.15
C ILE B 389 11.03 21.03 -21.46
N ASP B 390 11.48 21.80 -20.48
CA ASP B 390 12.65 21.48 -19.64
C ASP B 390 12.16 20.79 -18.35
N VAL B 391 10.98 21.16 -17.87
CA VAL B 391 10.37 20.62 -16.61
C VAL B 391 8.93 20.19 -16.92
N ALA B 392 8.59 18.97 -16.49
CA ALA B 392 7.26 18.39 -16.63
C ALA B 392 6.80 17.94 -15.24
N LEU B 393 5.55 18.27 -14.92
CA LEU B 393 4.86 17.89 -13.66
C LEU B 393 3.77 16.88 -14.01
N SER B 394 3.56 15.87 -13.15
CA SER B 394 2.49 14.87 -13.26
C SER B 394 1.72 14.84 -11.94
N ASN B 395 0.42 15.13 -11.98
CA ASN B 395 -0.47 15.18 -10.79
C ASN B 395 -1.38 13.95 -10.77
N SER B 396 -1.56 13.36 -9.58
CA SER B 396 -2.65 12.40 -9.26
C SER B 396 -3.35 12.84 -7.96
N PHE B 397 -4.68 12.76 -7.95
CA PHE B 397 -5.52 12.97 -6.74
C PHE B 397 -6.46 11.78 -6.65
N GLY B 398 -6.70 11.31 -5.42
CA GLY B 398 -7.43 10.05 -5.20
C GLY B 398 -8.45 10.18 -4.09
N PHE B 399 -9.32 9.18 -3.99
CA PHE B 399 -10.28 9.01 -2.88
C PHE B 399 -9.52 9.15 -1.56
N GLY B 400 -10.18 9.77 -0.57
CA GLY B 400 -9.58 10.06 0.75
C GLY B 400 -8.81 11.36 0.74
N GLY B 401 -8.89 12.10 -0.39
CA GLY B 401 -8.15 13.35 -0.63
C GLY B 401 -6.65 13.14 -0.64
N THR B 402 -6.16 11.99 -1.13
CA THR B 402 -4.71 11.70 -1.20
C THR B 402 -4.17 12.30 -2.50
N ASN B 403 -3.14 13.14 -2.41
CA ASN B 403 -2.57 13.89 -3.55
C ASN B 403 -1.10 13.49 -3.70
N GLY B 404 -0.63 13.46 -4.94
CA GLY B 404 0.77 13.21 -5.32
C GLY B 404 1.15 14.00 -6.56
N THR B 405 2.37 14.51 -6.60
CA THR B 405 2.95 15.26 -7.74
C THR B 405 4.38 14.75 -7.94
N LEU B 406 4.75 14.43 -9.19
CA LEU B 406 6.15 14.16 -9.58
C LEU B 406 6.62 15.32 -10.45
N VAL B 407 7.88 15.72 -10.24
CA VAL B 407 8.57 16.71 -11.09
C VAL B 407 9.72 16.01 -11.82
N PHE B 408 9.68 16.07 -13.15
CA PHE B 408 10.71 15.52 -14.05
C PHE B 408 11.38 16.66 -14.80
N ARG B 409 12.67 16.49 -15.13
CA ARG B 409 13.48 17.51 -15.82
C ARG B 409 14.34 16.80 -16.86
N ARG B 410 14.53 17.42 -18.04
CA ARG B 410 15.51 16.99 -19.06
C ARG B 410 16.85 16.71 -18.37
N PHE B 411 17.54 15.65 -18.77
CA PHE B 411 18.90 15.35 -18.25
C PHE B 411 19.94 15.70 -19.31
S DMS C . 14.59 6.41 11.66
O DMS C . 14.13 6.76 10.28
C1 DMS C . 14.13 4.73 11.94
C2 DMS C . 13.46 7.17 12.78
S DMS D . -30.30 -5.61 -11.53
O DMS D . -30.09 -5.06 -10.16
C1 DMS D . -31.85 -4.97 -12.11
C2 DMS D . -29.32 -4.63 -12.63
MG MG E . -3.92 -18.76 22.22
S DMS F . 13.72 12.14 -5.09
O DMS F . 14.88 11.66 -5.92
C1 DMS F . 14.39 12.60 -3.54
C2 DMS F . 13.33 13.77 -5.70
S DMS G . 26.89 -2.97 -10.14
O DMS G . 25.39 -3.06 -10.41
C1 DMS G . 27.11 -1.71 -8.91
C2 DMS G . 27.33 -4.36 -9.14
S DMS H . -6.73 -18.00 -8.01
O DMS H . -5.56 -17.06 -8.05
C1 DMS H . -6.24 -19.46 -8.91
C2 DMS H . -7.92 -17.40 -9.18
S DMS I . -25.03 0.00 -13.00
O DMS I . -24.50 0.23 -14.40
C1 DMS I . -26.21 -1.31 -13.14
C2 DMS I . -26.19 1.32 -12.67
C1 V6L J . 6.42 -7.21 -25.12
C2 V6L J . 7.09 -8.28 -24.32
C3 V6L J . 8.06 -8.13 -23.32
C4 V6L J . 8.34 -9.42 -22.89
C5 V6L J . 9.26 -9.93 -21.85
O1 V6L J . 9.79 -9.15 -21.06
N1 V6L J . 9.43 -11.25 -21.83
C6 V6L J . 9.39 -12.08 -20.64
C7 V6L J . 10.17 -13.39 -20.79
C8 V6L J . 10.24 -13.92 -19.36
C9 V6L J . 10.07 -12.71 -18.46
C10 V6L J . 10.01 -11.50 -19.39
N2 V6L J . 7.56 -10.24 -23.61
N3 V6L J . 6.79 -9.57 -24.49
#